data_3ERP
#
_entry.id   3ERP
#
_cell.length_a   127.096
_cell.length_b   127.096
_cell.length_c   120.492
_cell.angle_alpha   90.00
_cell.angle_beta   90.00
_cell.angle_gamma   90.00
#
_symmetry.space_group_name_H-M   'I 4'
#
loop_
_entity.id
_entity.type
_entity.pdbx_description
1 polymer 'Putative oxidoreductase'
2 non-polymer 'ZINC ION'
3 non-polymer 'SODIUM ION'
4 non-polymer 'CHLORIDE ION'
5 non-polymer 'CACODYLATE ION'
6 non-polymer 1,2-ETHANEDIOL
7 water water
#
_entity_poly.entity_id   1
_entity_poly.type   'polypeptide(L)'
_entity_poly.pdbx_seq_one_letter_code
;MGSSHHHHHHSSGRENLYFQGMIYQPDENRYHTMEYRRCGRSGVKLPAISLGLWHNFGDTTRVENSRALLQRAFDLGITH
FDLANNYGPPPGSAECNFGRILQEDFLPWRDELIISTKAGYTMWDGPYGDWGSRKYLIASLDQSLKRMGLEYVDIFYHHR
PDPETPLKETMKALDHLVRHGKALYVGISNYPADLARQAIDILEDLGTPCLIHQPKYSLFERWVEDGLLALLQEKGVGSI
AFSPLAGGQLTDRYLNGIPEDSRAASGSRFLKPEQITADKLEKVRRLNELAARRGQKLSQMALAWVLRNDNVTSVLIGAS
KPSQIEDAVGMLANRRFSAAECAEIDAILEGRF
;
_entity_poly.pdbx_strand_id   A,B
#
loop_
_chem_comp.id
_chem_comp.type
_chem_comp.name
_chem_comp.formula
CAC non-polymer 'CACODYLATE ION' 'C2 H6 As O2 -1'
CL non-polymer 'CHLORIDE ION' 'Cl -1'
EDO non-polymer 1,2-ETHANEDIOL 'C2 H6 O2'
NA non-polymer 'SODIUM ION' 'Na 1'
ZN non-polymer 'ZINC ION' 'Zn 2'
#
# COMPACT_ATOMS: atom_id res chain seq x y z
N ILE A 23 -10.13 28.87 -23.41
CA ILE A 23 -11.27 28.00 -22.99
C ILE A 23 -10.76 26.61 -22.53
N TYR A 24 -11.07 26.31 -21.29
CA TYR A 24 -10.68 25.05 -20.70
C TYR A 24 -11.48 23.90 -21.28
N GLN A 25 -10.80 22.82 -21.65
N GLN A 25 -10.78 22.82 -21.62
CA GLN A 25 -11.54 21.63 -22.05
CA GLN A 25 -11.42 21.60 -22.10
C GLN A 25 -11.01 20.48 -21.24
C GLN A 25 -10.96 20.42 -21.24
N PRO A 26 -11.89 19.84 -20.45
CA PRO A 26 -11.53 18.71 -19.60
C PRO A 26 -10.90 17.56 -20.38
N ASP A 27 -9.85 16.98 -19.81
CA ASP A 27 -9.11 15.90 -20.45
C ASP A 27 -10.08 14.76 -20.77
N GLU A 28 -10.11 14.34 -22.03
CA GLU A 28 -11.00 13.24 -22.46
C GLU A 28 -10.72 11.90 -21.78
N ASN A 29 -9.54 11.73 -21.18
N ASN A 29 -9.53 11.76 -21.19
CA ASN A 29 -9.19 10.47 -20.52
CA ASN A 29 -9.13 10.54 -20.53
C ASN A 29 -9.45 10.48 -19.01
C ASN A 29 -9.27 10.60 -19.01
N ARG A 30 -10.07 11.55 -18.52
CA ARG A 30 -10.24 11.71 -17.07
C ARG A 30 -10.93 10.56 -16.34
N TYR A 31 -11.88 9.86 -16.96
CA TYR A 31 -12.56 8.77 -16.27
C TYR A 31 -11.85 7.43 -16.42
N HIS A 32 -10.69 7.46 -17.08
CA HIS A 32 -9.85 6.26 -17.14
C HIS A 32 -8.78 6.33 -16.05
N THR A 33 -8.45 7.55 -15.65
CA THR A 33 -7.37 7.83 -14.68
C THR A 33 -7.70 7.71 -13.18
N MET A 34 -8.97 7.53 -12.86
CA MET A 34 -9.43 7.57 -11.47
C MET A 34 -10.29 6.39 -11.10
N GLU A 35 -10.22 5.96 -9.84
N GLU A 35 -10.20 5.96 -9.84
CA GLU A 35 -11.09 4.92 -9.31
CA GLU A 35 -11.07 4.94 -9.25
C GLU A 35 -12.20 5.63 -8.52
C GLU A 35 -12.22 5.69 -8.57
N TYR A 36 -13.44 5.19 -8.70
CA TYR A 36 -14.63 5.77 -8.02
C TYR A 36 -15.14 4.72 -7.04
N ARG A 37 -15.44 5.17 -5.82
CA ARG A 37 -15.76 4.28 -4.69
C ARG A 37 -17.10 4.64 -4.11
N ARG A 38 -17.94 3.64 -3.91
CA ARG A 38 -19.28 3.86 -3.40
C ARG A 38 -19.24 4.40 -1.98
N CYS A 39 -20.00 5.44 -1.75
CA CYS A 39 -20.07 6.09 -0.43
C CYS A 39 -21.08 5.37 0.46
N GLY A 40 -20.58 4.44 1.30
CA GLY A 40 -21.49 3.65 2.17
C GLY A 40 -22.49 2.88 1.31
N ARG A 41 -23.71 2.76 1.80
N ARG A 41 -23.72 2.71 1.78
CA ARG A 41 -24.82 2.20 1.05
CA ARG A 41 -24.77 2.10 0.95
C ARG A 41 -25.60 3.39 0.50
C ARG A 41 -25.66 3.24 0.42
N SER A 42 -25.25 3.77 -0.72
CA SER A 42 -25.89 4.93 -1.37
C SER A 42 -25.64 4.78 -2.85
N GLY A 43 -26.15 5.74 -3.63
CA GLY A 43 -25.87 5.75 -5.06
C GLY A 43 -24.67 6.55 -5.48
N VAL A 44 -24.01 7.18 -4.51
CA VAL A 44 -22.90 8.11 -4.82
C VAL A 44 -21.55 7.41 -4.83
N LYS A 45 -20.81 7.56 -5.92
CA LYS A 45 -19.41 7.07 -5.99
C LYS A 45 -18.52 8.30 -5.99
N LEU A 46 -17.67 8.40 -4.97
CA LEU A 46 -16.72 9.52 -4.90
C LEU A 46 -15.38 9.12 -5.55
N PRO A 47 -14.62 10.09 -6.10
CA PRO A 47 -13.26 9.75 -6.56
C PRO A 47 -12.42 9.32 -5.35
N ALA A 48 -11.50 8.39 -5.58
CA ALA A 48 -10.67 7.93 -4.48
C ALA A 48 -9.91 9.11 -3.90
N ILE A 49 -9.50 10.05 -4.75
CA ILE A 49 -8.87 11.30 -4.32
C ILE A 49 -9.86 12.46 -4.57
N SER A 50 -10.17 13.22 -3.51
CA SER A 50 -11.03 14.44 -3.61
C SER A 50 -10.17 15.62 -3.26
N LEU A 51 -10.53 16.81 -3.77
CA LEU A 51 -9.75 17.99 -3.47
C LEU A 51 -10.44 18.95 -2.55
N GLY A 52 -9.78 19.34 -1.47
CA GLY A 52 -10.34 20.26 -0.50
C GLY A 52 -9.81 21.64 -0.79
N LEU A 53 -10.65 22.64 -0.51
CA LEU A 53 -10.27 24.02 -0.76
C LEU A 53 -9.98 24.79 0.54
N TRP A 54 -9.65 24.03 1.59
N TRP A 54 -9.66 24.07 1.61
CA TRP A 54 -9.35 24.53 2.93
CA TRP A 54 -9.36 24.67 2.91
C TRP A 54 -8.22 25.57 2.88
C TRP A 54 -8.25 25.70 2.76
N HIS A 55 -7.20 25.33 2.06
CA HIS A 55 -6.09 26.26 1.83
C HIS A 55 -5.81 26.46 0.35
N ASN A 56 -5.32 27.66 -0.02
CA ASN A 56 -4.88 28.00 -1.39
C ASN A 56 -5.95 28.47 -2.37
N PHE A 57 -7.12 28.81 -1.80
CA PHE A 57 -8.22 29.29 -2.62
C PHE A 57 -8.80 30.61 -2.14
N GLY A 58 -8.14 31.25 -1.19
CA GLY A 58 -8.58 32.54 -0.64
C GLY A 58 -7.92 33.71 -1.37
N ASP A 59 -8.06 34.91 -0.78
CA ASP A 59 -7.54 36.13 -1.44
C ASP A 59 -6.06 36.37 -1.16
N THR A 60 -5.44 35.49 -0.36
CA THR A 60 -4.01 35.61 -0.02
C THR A 60 -3.13 34.77 -0.94
N THR A 61 -3.76 34.06 -1.87
CA THR A 61 -3.03 33.31 -2.87
C THR A 61 -3.53 33.80 -4.22
N ARG A 62 -2.92 33.33 -5.31
CA ARG A 62 -3.22 33.82 -6.65
C ARG A 62 -4.27 32.96 -7.30
N VAL A 63 -5.28 33.62 -7.89
CA VAL A 63 -6.33 32.91 -8.60
C VAL A 63 -5.81 32.10 -9.78
N GLU A 64 -4.73 32.55 -10.43
N GLU A 64 -4.72 32.54 -10.42
CA GLU A 64 -4.20 31.76 -11.54
CA GLU A 64 -4.18 31.77 -11.53
C GLU A 64 -3.86 30.36 -11.01
C GLU A 64 -3.71 30.38 -11.07
N ASN A 65 -3.26 30.31 -9.83
CA ASN A 65 -2.88 29.02 -9.24
C ASN A 65 -4.11 28.18 -8.83
N SER A 66 -5.09 28.84 -8.20
CA SER A 66 -6.34 28.18 -7.83
C SER A 66 -7.01 27.52 -9.04
N ARG A 67 -7.06 28.26 -10.14
CA ARG A 67 -7.65 27.79 -11.39
C ARG A 67 -6.90 26.57 -11.93
N ALA A 68 -5.57 26.67 -11.93
CA ALA A 68 -4.74 25.56 -12.37
C ALA A 68 -4.96 24.30 -11.55
N LEU A 69 -5.13 24.47 -10.23
CA LEU A 69 -5.37 23.30 -9.35
C LEU A 69 -6.70 22.64 -9.69
N LEU A 70 -7.77 23.42 -9.84
CA LEU A 70 -9.07 22.81 -10.18
C LEU A 70 -9.10 22.14 -11.55
N GLN A 71 -8.50 22.79 -12.54
CA GLN A 71 -8.40 22.19 -13.86
C GLN A 71 -7.60 20.90 -13.86
N ARG A 72 -6.44 20.92 -13.18
N ARG A 72 -6.45 20.90 -13.19
CA ARG A 72 -5.63 19.71 -13.12
CA ARG A 72 -5.65 19.68 -13.17
C ARG A 72 -6.41 18.58 -12.46
C ARG A 72 -6.36 18.55 -12.43
N ALA A 73 -7.09 18.89 -11.36
CA ALA A 73 -7.86 17.89 -10.62
C ALA A 73 -8.92 17.23 -11.48
N PHE A 74 -9.76 18.03 -12.16
CA PHE A 74 -10.82 17.44 -12.97
C PHE A 74 -10.24 16.65 -14.15
N ASP A 75 -9.15 17.17 -14.73
CA ASP A 75 -8.44 16.49 -15.84
C ASP A 75 -7.99 15.08 -15.46
N LEU A 76 -7.67 14.90 -14.17
CA LEU A 76 -7.24 13.60 -13.65
C LEU A 76 -8.39 12.76 -13.12
N GLY A 77 -9.63 13.26 -13.25
CA GLY A 77 -10.80 12.52 -12.78
C GLY A 77 -11.32 12.83 -11.37
N ILE A 78 -10.72 13.82 -10.69
CA ILE A 78 -11.21 14.24 -9.38
C ILE A 78 -12.52 15.01 -9.65
N THR A 79 -13.63 14.44 -9.21
CA THR A 79 -14.97 15.01 -9.46
C THR A 79 -15.54 15.65 -8.22
N HIS A 80 -14.82 15.60 -7.10
CA HIS A 80 -15.36 16.11 -5.84
C HIS A 80 -14.47 17.21 -5.31
N PHE A 81 -15.08 18.40 -5.10
CA PHE A 81 -14.43 19.59 -4.56
C PHE A 81 -15.17 19.95 -3.27
N ASP A 82 -14.40 20.00 -2.17
CA ASP A 82 -14.97 20.20 -0.84
C ASP A 82 -14.64 21.60 -0.30
N LEU A 83 -15.69 22.35 0.01
CA LEU A 83 -15.57 23.70 0.52
C LEU A 83 -16.21 23.81 1.91
N ALA A 84 -16.15 25.02 2.48
CA ALA A 84 -16.90 25.34 3.71
C ALA A 84 -17.10 26.82 3.67
N ASN A 85 -18.11 27.30 4.39
CA ASN A 85 -18.37 28.73 4.37
C ASN A 85 -17.16 29.57 4.70
N ASN A 86 -16.38 29.15 5.72
CA ASN A 86 -15.33 30.03 6.21
C ASN A 86 -13.95 29.82 5.61
N TYR A 87 -13.86 28.98 4.59
CA TYR A 87 -12.55 28.79 3.94
C TYR A 87 -12.06 30.04 3.22
N GLY A 88 -10.77 30.26 3.34
CA GLY A 88 -10.15 31.41 2.69
C GLY A 88 -8.68 31.41 2.98
N PRO A 89 -8.16 32.46 3.63
CA PRO A 89 -8.83 33.65 4.15
C PRO A 89 -8.99 34.76 3.10
N PRO A 90 -9.91 35.71 3.34
CA PRO A 90 -10.82 35.81 4.47
C PRO A 90 -12.00 34.83 4.31
N PRO A 91 -12.82 34.68 5.35
CA PRO A 91 -13.97 33.77 5.26
C PRO A 91 -14.85 34.07 4.06
N GLY A 92 -15.21 33.02 3.33
CA GLY A 92 -16.10 33.16 2.17
C GLY A 92 -15.34 33.31 0.87
N SER A 93 -14.06 33.68 0.94
CA SER A 93 -13.33 33.92 -0.32
C SER A 93 -13.07 32.63 -1.14
N ALA A 94 -12.86 31.48 -0.49
CA ALA A 94 -12.67 30.25 -1.30
C ALA A 94 -13.95 29.97 -2.11
N GLU A 95 -15.11 30.10 -1.48
CA GLU A 95 -16.38 29.91 -2.19
C GLU A 95 -16.52 30.91 -3.34
N CYS A 96 -16.16 32.17 -3.09
N CYS A 96 -16.11 32.14 -3.08
CA CYS A 96 -16.24 33.16 -4.20
CA CYS A 96 -16.18 33.18 -4.10
C CYS A 96 -15.30 32.83 -5.36
C CYS A 96 -15.30 32.87 -5.30
N ASN A 97 -14.05 32.50 -5.04
CA ASN A 97 -13.10 32.18 -6.10
C ASN A 97 -13.54 30.90 -6.85
N PHE A 98 -13.96 29.90 -6.11
CA PHE A 98 -14.51 28.69 -6.74
C PHE A 98 -15.71 29.04 -7.64
N GLY A 99 -16.60 29.91 -7.15
CA GLY A 99 -17.79 30.37 -7.89
C GLY A 99 -17.38 30.98 -9.23
N ARG A 100 -16.37 31.83 -9.21
CA ARG A 100 -15.93 32.45 -10.46
C ARG A 100 -15.34 31.43 -11.42
N ILE A 101 -14.45 30.59 -10.93
CA ILE A 101 -13.83 29.59 -11.79
C ILE A 101 -14.87 28.59 -12.32
N LEU A 102 -15.84 28.23 -11.47
CA LEU A 102 -16.94 27.35 -11.93
C LEU A 102 -17.69 28.02 -13.09
N GLN A 103 -18.08 29.28 -12.94
N GLN A 103 -18.05 29.30 -12.91
CA GLN A 103 -18.79 29.93 -14.04
CA GLN A 103 -18.80 30.04 -13.95
C GLN A 103 -17.95 30.03 -15.30
C GLN A 103 -18.01 30.24 -15.24
N GLU A 104 -16.70 30.45 -15.14
CA GLU A 104 -15.84 30.66 -16.29
C GLU A 104 -15.43 29.39 -17.02
N ASP A 105 -15.11 28.34 -16.27
CA ASP A 105 -14.50 27.14 -16.85
C ASP A 105 -15.27 25.83 -16.78
N PHE A 106 -16.13 25.67 -15.77
CA PHE A 106 -16.72 24.35 -15.51
C PHE A 106 -18.22 24.19 -15.68
N LEU A 107 -18.92 25.28 -16.00
N LEU A 107 -18.96 25.28 -15.94
CA LEU A 107 -20.37 25.22 -15.99
CA LEU A 107 -20.43 25.17 -15.99
C LEU A 107 -20.99 24.08 -16.84
C LEU A 107 -20.99 24.02 -16.84
N PRO A 108 -20.47 23.83 -18.06
CA PRO A 108 -21.03 22.73 -18.87
C PRO A 108 -20.87 21.35 -18.21
N TRP A 109 -19.95 21.22 -17.25
CA TRP A 109 -19.73 19.96 -16.57
C TRP A 109 -20.17 19.96 -15.10
N ARG A 110 -21.02 20.92 -14.70
CA ARG A 110 -21.44 20.94 -13.28
C ARG A 110 -22.11 19.62 -12.86
N ASP A 111 -22.87 18.98 -13.76
CA ASP A 111 -23.51 17.71 -13.36
C ASP A 111 -22.57 16.51 -13.25
N GLU A 112 -21.30 16.72 -13.61
CA GLU A 112 -20.25 15.70 -13.42
C GLU A 112 -19.50 15.94 -12.10
N LEU A 113 -19.90 16.96 -11.34
CA LEU A 113 -19.16 17.33 -10.12
C LEU A 113 -20.00 17.09 -8.88
N ILE A 114 -19.31 16.73 -7.79
CA ILE A 114 -19.94 16.71 -6.45
C ILE A 114 -19.29 17.88 -5.72
N ILE A 115 -20.08 18.89 -5.36
CA ILE A 115 -19.59 20.07 -4.66
C ILE A 115 -20.20 20.11 -3.27
N SER A 116 -19.35 20.25 -2.24
CA SER A 116 -19.87 20.30 -0.87
C SER A 116 -19.58 21.62 -0.23
N THR A 117 -20.43 21.99 0.74
CA THR A 117 -20.04 23.08 1.65
C THR A 117 -20.51 22.72 3.05
N LYS A 118 -20.26 23.60 4.02
CA LYS A 118 -20.51 23.28 5.42
C LYS A 118 -20.84 24.54 6.21
N ALA A 119 -21.47 24.33 7.36
CA ALA A 119 -21.61 25.41 8.37
C ALA A 119 -21.46 24.75 9.72
N GLY A 120 -20.86 25.46 10.67
CA GLY A 120 -20.71 24.91 12.03
C GLY A 120 -19.54 25.50 12.80
N TYR A 121 -18.56 26.07 12.10
CA TYR A 121 -17.48 26.82 12.76
C TYR A 121 -17.81 28.31 12.64
N THR A 122 -16.93 29.18 13.12
CA THR A 122 -17.23 30.62 13.10
C THR A 122 -17.17 31.19 11.69
N MET A 123 -18.27 31.81 11.25
CA MET A 123 -18.31 32.43 9.94
C MET A 123 -18.48 33.96 10.06
N TRP A 124 -19.52 34.44 10.76
CA TRP A 124 -19.74 35.87 10.98
C TRP A 124 -19.87 36.10 12.47
N ASP A 125 -19.78 37.37 12.89
N ASP A 125 -19.70 37.34 12.93
CA ASP A 125 -19.81 37.70 14.31
CA ASP A 125 -19.72 37.60 14.37
C ASP A 125 -21.22 37.55 14.90
C ASP A 125 -21.15 37.57 14.90
N GLY A 126 -21.27 37.32 16.20
CA GLY A 126 -22.56 37.28 16.89
C GLY A 126 -23.10 35.88 17.07
N PRO A 127 -24.24 35.78 17.77
CA PRO A 127 -24.79 34.48 18.12
C PRO A 127 -25.38 33.63 17.00
N TYR A 128 -25.51 34.18 15.78
CA TYR A 128 -26.13 33.45 14.67
C TYR A 128 -25.14 33.07 13.59
N GLY A 129 -23.84 33.35 13.82
CA GLY A 129 -22.81 33.12 12.80
C GLY A 129 -21.82 31.98 13.10
N ASP A 130 -22.22 31.07 13.97
CA ASP A 130 -21.38 29.95 14.41
C ASP A 130 -22.33 28.88 14.98
N TRP A 131 -21.78 27.68 15.19
CA TRP A 131 -22.50 26.60 15.87
C TRP A 131 -23.59 25.86 15.07
N GLY A 132 -24.71 25.49 15.68
CA GLY A 132 -25.62 24.55 15.00
C GLY A 132 -27.08 24.89 14.92
N SER A 133 -27.41 26.18 15.05
CA SER A 133 -28.83 26.54 15.00
C SER A 133 -29.39 26.42 13.59
N ARG A 134 -30.71 26.22 13.53
CA ARG A 134 -31.43 26.28 12.25
C ARG A 134 -31.19 27.61 11.55
N LYS A 135 -31.22 28.73 12.31
CA LYS A 135 -30.96 30.06 11.75
C LYS A 135 -29.62 30.09 11.03
N TYR A 136 -28.56 29.63 11.69
CA TYR A 136 -27.23 29.72 11.08
C TYR A 136 -27.08 28.80 9.88
N LEU A 137 -27.55 27.55 10.00
CA LEU A 137 -27.39 26.59 8.88
C LEU A 137 -28.13 27.07 7.63
N ILE A 138 -29.38 27.51 7.81
CA ILE A 138 -30.14 27.96 6.64
C ILE A 138 -29.55 29.26 6.05
N ALA A 139 -29.32 30.27 6.90
CA ALA A 139 -28.79 31.54 6.40
C ALA A 139 -27.39 31.33 5.75
N SER A 140 -26.57 30.45 6.36
CA SER A 140 -25.24 30.22 5.80
C SER A 140 -25.30 29.47 4.47
N LEU A 141 -26.16 28.46 4.33
CA LEU A 141 -26.20 27.79 3.01
C LEU A 141 -26.71 28.77 1.94
N ASP A 142 -27.64 29.66 2.30
CA ASP A 142 -28.10 30.67 1.31
C ASP A 142 -26.92 31.54 0.90
N GLN A 143 -26.07 31.92 1.87
CA GLN A 143 -24.88 32.75 1.52
C GLN A 143 -23.94 31.97 0.62
N SER A 144 -23.70 30.70 0.97
CA SER A 144 -22.79 29.84 0.18
C SER A 144 -23.26 29.67 -1.27
N LEU A 145 -24.56 29.41 -1.45
CA LEU A 145 -25.12 29.23 -2.78
C LEU A 145 -24.95 30.52 -3.59
N LYS A 146 -25.12 31.67 -2.96
CA LYS A 146 -24.89 32.95 -3.63
C LYS A 146 -23.44 33.15 -4.01
N ARG A 147 -22.52 32.90 -3.07
CA ARG A 147 -21.10 33.06 -3.38
C ARG A 147 -20.62 32.14 -4.50
N MET A 148 -21.13 30.90 -4.53
CA MET A 148 -20.68 29.91 -5.52
C MET A 148 -21.47 30.01 -6.82
N GLY A 149 -22.59 30.71 -6.81
CA GLY A 149 -23.45 30.78 -7.99
C GLY A 149 -24.13 29.46 -8.33
N LEU A 150 -24.56 28.75 -7.30
CA LEU A 150 -25.19 27.42 -7.45
C LEU A 150 -26.66 27.42 -7.03
N GLU A 151 -27.47 26.57 -7.66
N GLU A 151 -27.47 26.57 -7.66
CA GLU A 151 -28.84 26.34 -7.22
CA GLU A 151 -28.85 26.34 -7.23
C GLU A 151 -28.81 25.49 -5.95
C GLU A 151 -28.88 25.41 -6.02
N TYR A 152 -27.88 24.53 -5.93
CA TYR A 152 -27.80 23.61 -4.79
C TYR A 152 -26.40 23.08 -4.68
N VAL A 153 -26.05 22.62 -3.50
CA VAL A 153 -24.80 21.86 -3.36
C VAL A 153 -25.15 20.37 -3.38
N ASP A 154 -24.18 19.53 -3.70
CA ASP A 154 -24.39 18.08 -3.67
C ASP A 154 -24.40 17.55 -2.24
N ILE A 155 -23.52 18.08 -1.40
CA ILE A 155 -23.49 17.65 0.00
C ILE A 155 -23.37 18.89 0.89
N PHE A 156 -24.25 19.00 1.88
CA PHE A 156 -24.11 20.06 2.88
C PHE A 156 -23.83 19.38 4.23
N TYR A 157 -22.79 19.86 4.90
CA TYR A 157 -22.40 19.30 6.20
C TYR A 157 -22.65 20.20 7.38
N HIS A 158 -22.99 19.56 8.50
CA HIS A 158 -22.79 20.26 9.80
C HIS A 158 -21.28 20.05 10.12
N HIS A 159 -20.55 21.14 10.26
CA HIS A 159 -19.08 21.11 10.25
C HIS A 159 -18.44 20.58 11.53
N ARG A 160 -19.14 20.72 12.66
CA ARG A 160 -18.64 20.15 13.94
C ARG A 160 -19.83 20.08 14.88
N PRO A 161 -19.72 19.27 15.92
CA PRO A 161 -20.84 19.24 16.84
C PRO A 161 -21.06 20.56 17.60
N ASP A 162 -22.33 20.76 17.99
N ASP A 162 -22.32 20.80 18.00
CA ASP A 162 -22.76 21.89 18.83
CA ASP A 162 -22.66 21.96 18.85
C ASP A 162 -23.35 21.24 20.10
C ASP A 162 -23.33 21.36 20.10
N PRO A 163 -22.55 21.20 21.18
CA PRO A 163 -23.03 20.52 22.41
C PRO A 163 -24.21 21.17 23.12
N GLU A 164 -24.43 22.45 22.86
N GLU A 164 -24.48 22.44 22.89
CA GLU A 164 -25.47 23.22 23.53
CA GLU A 164 -25.59 23.06 23.61
C GLU A 164 -26.77 23.45 22.76
C GLU A 164 -26.91 23.12 22.83
N THR A 165 -26.83 23.00 21.51
CA THR A 165 -28.06 23.04 20.70
C THR A 165 -28.60 21.64 20.54
N PRO A 166 -29.93 21.44 20.75
CA PRO A 166 -30.45 20.08 20.58
C PRO A 166 -30.10 19.50 19.21
N LEU A 167 -29.57 18.28 19.22
CA LEU A 167 -29.22 17.66 17.95
C LEU A 167 -30.39 17.62 16.97
N LYS A 168 -31.61 17.42 17.46
N LYS A 168 -31.60 17.46 17.48
CA LYS A 168 -32.76 17.38 16.55
CA LYS A 168 -32.78 17.39 16.62
C LYS A 168 -32.96 18.72 15.80
C LYS A 168 -32.98 18.70 15.84
N GLU A 169 -32.66 19.85 16.41
CA GLU A 169 -32.83 21.12 15.68
C GLU A 169 -31.87 21.13 14.47
N THR A 170 -30.62 20.81 14.76
CA THR A 170 -29.59 20.85 13.68
C THR A 170 -29.93 19.83 12.59
N MET A 171 -30.30 18.63 13.01
CA MET A 171 -30.66 17.58 12.03
C MET A 171 -31.89 17.96 11.19
N LYS A 172 -32.89 18.56 11.82
N LYS A 172 -32.87 18.58 11.84
CA LYS A 172 -34.07 18.98 11.09
CA LYS A 172 -34.09 19.03 11.18
C LYS A 172 -33.75 20.10 10.08
C LYS A 172 -33.77 20.11 10.13
N ALA A 173 -32.76 20.92 10.41
CA ALA A 173 -32.36 21.98 9.46
C ALA A 173 -31.76 21.29 8.22
N LEU A 174 -30.93 20.26 8.46
CA LEU A 174 -30.35 19.50 7.29
C LEU A 174 -31.46 18.86 6.47
N ASP A 175 -32.41 18.20 7.13
CA ASP A 175 -33.55 17.58 6.43
C ASP A 175 -34.35 18.61 5.63
N HIS A 176 -34.61 19.76 6.26
CA HIS A 176 -35.35 20.80 5.58
C HIS A 176 -34.62 21.28 4.30
N LEU A 177 -33.30 21.43 4.37
CA LEU A 177 -32.52 21.94 3.22
C LEU A 177 -32.51 20.93 2.05
N VAL A 178 -32.56 19.64 2.38
CA VAL A 178 -32.67 18.61 1.33
C VAL A 178 -34.08 18.62 0.73
N ARG A 179 -35.09 18.65 1.60
CA ARG A 179 -36.46 18.62 1.10
C ARG A 179 -36.76 19.82 0.21
N HIS A 180 -36.13 20.95 0.52
N HIS A 180 -36.14 20.96 0.52
CA HIS A 180 -36.35 22.15 -0.26
CA HIS A 180 -36.35 22.24 -0.19
C HIS A 180 -35.34 22.46 -1.34
C HIS A 180 -35.54 22.30 -1.52
N GLY A 181 -34.57 21.41 -1.67
CA GLY A 181 -33.73 21.40 -2.84
C GLY A 181 -32.49 22.24 -2.84
N LYS A 182 -32.00 22.60 -1.66
N LYS A 182 -32.03 22.59 -1.63
CA LYS A 182 -30.77 23.39 -1.60
CA LYS A 182 -30.82 23.40 -1.42
C LYS A 182 -29.54 22.51 -1.42
C LYS A 182 -29.58 22.51 -1.39
N ALA A 183 -29.77 21.24 -1.05
CA ALA A 183 -28.68 20.23 -0.98
C ALA A 183 -29.24 18.91 -1.44
N LEU A 184 -28.46 18.16 -2.22
CA LEU A 184 -28.98 16.85 -2.64
C LEU A 184 -28.83 15.83 -1.51
N TYR A 185 -27.73 15.95 -0.75
CA TYR A 185 -27.40 15.04 0.36
C TYR A 185 -26.80 15.82 1.51
N VAL A 186 -26.78 15.21 2.71
CA VAL A 186 -26.15 15.88 3.87
C VAL A 186 -25.14 14.96 4.55
N GLY A 187 -24.28 15.59 5.34
CA GLY A 187 -23.25 14.84 6.09
C GLY A 187 -22.91 15.55 7.37
N ILE A 188 -22.06 14.90 8.15
CA ILE A 188 -21.58 15.47 9.40
C ILE A 188 -20.05 15.40 9.41
N SER A 189 -19.40 16.30 10.12
CA SER A 189 -17.95 16.31 10.19
C SER A 189 -17.50 16.46 11.64
N ASN A 190 -16.39 15.80 12.01
CA ASN A 190 -15.82 15.96 13.38
C ASN A 190 -16.71 15.49 14.51
N TYR A 191 -17.63 14.57 14.21
CA TYR A 191 -18.53 14.02 15.22
C TYR A 191 -17.89 12.75 15.79
N PRO A 192 -17.70 12.69 17.12
CA PRO A 192 -17.24 11.42 17.72
C PRO A 192 -18.28 10.33 17.50
N ALA A 193 -17.89 9.07 17.64
CA ALA A 193 -18.76 7.96 17.33
C ALA A 193 -20.13 7.96 18.03
N ASP A 194 -20.16 8.19 19.35
N ASP A 194 -20.13 8.30 19.32
CA ASP A 194 -21.43 8.14 20.08
CA ASP A 194 -21.37 8.38 20.09
C ASP A 194 -22.49 9.12 19.53
C ASP A 194 -22.31 9.49 19.60
N LEU A 195 -22.05 10.36 19.35
N LEU A 195 -21.77 10.66 19.25
CA LEU A 195 -22.86 11.45 18.80
CA LEU A 195 -22.63 11.72 18.74
C LEU A 195 -23.18 11.18 17.34
C LEU A 195 -23.03 11.44 17.29
N ALA A 196 -22.19 10.71 16.57
CA ALA A 196 -22.46 10.36 15.16
C ALA A 196 -23.62 9.35 15.08
N ARG A 197 -23.63 8.33 15.97
CA ARG A 197 -24.71 7.37 15.99
C ARG A 197 -26.06 8.08 16.22
N GLN A 198 -26.10 8.99 17.17
CA GLN A 198 -27.34 9.70 17.45
C GLN A 198 -27.80 10.51 16.25
N ALA A 199 -26.84 11.18 15.59
CA ALA A 199 -27.15 12.05 14.43
C ALA A 199 -27.68 11.23 13.26
N ILE A 200 -27.01 10.11 12.99
CA ILE A 200 -27.42 9.19 11.94
C ILE A 200 -28.83 8.65 12.16
N ASP A 201 -29.12 8.25 13.40
CA ASP A 201 -30.43 7.68 13.69
C ASP A 201 -31.53 8.74 13.59
N ILE A 202 -31.23 9.97 14.02
CA ILE A 202 -32.21 11.04 13.87
C ILE A 202 -32.51 11.31 12.41
N LEU A 203 -31.46 11.41 11.61
CA LEU A 203 -31.66 11.68 10.18
C LEU A 203 -32.44 10.57 9.47
N GLU A 204 -32.14 9.33 9.84
N GLU A 204 -32.09 9.31 9.74
CA GLU A 204 -32.86 8.19 9.30
CA GLU A 204 -32.80 8.22 9.08
C GLU A 204 -34.36 8.35 9.62
C GLU A 204 -34.29 8.26 9.43
N ASP A 205 -34.68 8.63 10.88
N ASP A 205 -34.59 8.65 10.66
CA ASP A 205 -36.08 8.82 11.30
CA ASP A 205 -35.97 8.76 11.13
C ASP A 205 -36.79 9.98 10.59
C ASP A 205 -36.68 9.88 10.36
N LEU A 206 -36.05 11.04 10.29
CA LEU A 206 -36.61 12.19 9.55
C LEU A 206 -36.83 11.89 8.07
N GLY A 207 -36.13 10.89 7.55
CA GLY A 207 -36.30 10.47 6.16
C GLY A 207 -35.27 11.04 5.21
N THR A 208 -34.22 11.64 5.76
CA THR A 208 -33.09 12.16 4.95
C THR A 208 -31.82 11.55 5.53
N PRO A 209 -31.41 10.39 5.04
CA PRO A 209 -30.30 9.67 5.69
C PRO A 209 -28.97 10.38 5.50
N CYS A 210 -28.10 10.28 6.51
CA CYS A 210 -26.77 10.88 6.46
C CYS A 210 -25.96 10.16 5.37
N LEU A 211 -25.45 10.90 4.40
CA LEU A 211 -24.67 10.27 3.32
C LEU A 211 -23.24 9.90 3.78
N ILE A 212 -22.65 10.79 4.58
CA ILE A 212 -21.20 10.74 4.75
C ILE A 212 -20.75 11.41 6.05
N HIS A 213 -19.61 10.93 6.59
CA HIS A 213 -18.97 11.49 7.75
C HIS A 213 -17.58 11.90 7.30
N GLN A 214 -17.14 13.12 7.67
CA GLN A 214 -15.79 13.61 7.35
C GLN A 214 -14.94 13.74 8.65
N PRO A 215 -14.11 12.71 8.93
CA PRO A 215 -13.24 12.77 10.10
C PRO A 215 -11.78 13.03 9.71
N LYS A 216 -10.95 13.44 10.66
CA LYS A 216 -9.50 13.52 10.42
C LYS A 216 -8.94 12.09 10.53
N TYR A 217 -8.12 11.64 9.57
CA TYR A 217 -7.56 10.28 9.63
C TYR A 217 -6.32 10.21 8.79
N SER A 218 -5.23 9.72 9.41
CA SER A 218 -3.96 9.47 8.69
C SER A 218 -3.18 8.44 9.49
N LEU A 219 -2.01 8.06 8.96
CA LEU A 219 -1.09 7.16 9.67
C LEU A 219 -0.79 7.65 11.08
N PHE A 220 -0.81 8.98 11.27
CA PHE A 220 -0.46 9.60 12.55
C PHE A 220 -1.67 10.02 13.42
N GLU A 221 -2.89 9.75 12.93
N GLU A 221 -2.88 9.74 12.94
CA GLU A 221 -4.12 10.07 13.68
CA GLU A 221 -4.12 10.09 13.66
C GLU A 221 -5.17 9.01 13.37
C GLU A 221 -5.17 9.01 13.37
N ARG A 222 -5.16 7.95 14.18
CA ARG A 222 -5.99 6.76 13.94
C ARG A 222 -7.21 6.58 14.84
N TRP A 223 -7.70 7.69 15.42
CA TRP A 223 -8.88 7.65 16.30
C TRP A 223 -10.10 6.96 15.70
N VAL A 224 -10.33 7.12 14.40
CA VAL A 224 -11.52 6.54 13.81
C VAL A 224 -11.55 5.03 13.87
N GLU A 225 -10.38 4.40 14.07
CA GLU A 225 -10.32 2.95 14.14
C GLU A 225 -10.80 2.44 15.50
N ASP A 226 -11.09 3.35 16.42
CA ASP A 226 -11.60 3.00 17.77
C ASP A 226 -13.12 2.84 17.86
N GLY A 227 -13.81 2.87 16.73
CA GLY A 227 -15.25 2.64 16.77
C GLY A 227 -16.00 3.33 15.66
N LEU A 228 -15.51 4.50 15.26
CA LEU A 228 -16.23 5.26 14.19
C LEU A 228 -16.36 4.49 12.90
N LEU A 229 -15.24 3.97 12.36
CA LEU A 229 -15.33 3.27 11.08
C LEU A 229 -16.31 2.09 11.11
N ALA A 230 -16.33 1.35 12.24
CA ALA A 230 -17.25 0.22 12.34
C ALA A 230 -18.73 0.68 12.40
N LEU A 231 -18.97 1.77 13.14
CA LEU A 231 -20.33 2.36 13.18
C LEU A 231 -20.79 2.77 11.77
N LEU A 232 -19.91 3.46 11.04
CA LEU A 232 -20.31 3.90 9.69
C LEU A 232 -20.61 2.70 8.78
N GLN A 233 -19.81 1.64 8.89
N GLN A 233 -19.82 1.63 8.91
CA GLN A 233 -20.07 0.46 8.07
CA GLN A 233 -20.06 0.42 8.11
C GLN A 233 -21.42 -0.18 8.47
C GLN A 233 -21.42 -0.16 8.48
N GLU A 234 -21.68 -0.25 9.78
CA GLU A 234 -22.97 -0.76 10.30
C GLU A 234 -24.16 0.01 9.72
N LYS A 235 -24.02 1.33 9.69
CA LYS A 235 -25.11 2.21 9.29
C LYS A 235 -25.19 2.56 7.80
N GLY A 236 -24.21 2.11 7.01
CA GLY A 236 -24.24 2.34 5.57
C GLY A 236 -23.85 3.76 5.19
N VAL A 237 -23.07 4.40 6.06
CA VAL A 237 -22.64 5.80 5.83
C VAL A 237 -21.19 5.80 5.34
N GLY A 238 -20.91 6.61 4.31
CA GLY A 238 -19.54 6.74 3.80
C GLY A 238 -18.65 7.65 4.64
N SER A 239 -17.40 7.77 4.21
CA SER A 239 -16.44 8.55 4.99
C SER A 239 -15.38 9.12 4.09
N ILE A 240 -14.94 10.34 4.42
CA ILE A 240 -13.91 10.99 3.62
C ILE A 240 -12.91 11.60 4.60
N ALA A 241 -11.69 11.07 4.54
CA ALA A 241 -10.65 11.46 5.50
C ALA A 241 -9.98 12.76 5.21
N PHE A 242 -9.94 13.68 6.18
N PHE A 242 -10.03 13.63 6.23
CA PHE A 242 -9.16 14.90 5.93
CA PHE A 242 -9.43 14.96 6.23
C PHE A 242 -7.82 14.87 6.67
C PHE A 242 -8.04 14.82 6.85
N SER A 243 -6.90 15.75 6.26
N SER A 243 -7.11 15.66 6.43
CA SER A 243 -5.52 15.78 6.78
CA SER A 243 -5.72 15.63 6.88
C SER A 243 -4.85 14.40 6.66
C SER A 243 -5.10 14.23 6.74
N PRO A 244 -5.08 13.71 5.52
CA PRO A 244 -4.51 12.34 5.37
C PRO A 244 -2.98 12.36 5.31
N LEU A 245 -2.35 13.54 5.09
CA LEU A 245 -0.89 13.63 5.12
C LEU A 245 -0.41 14.25 6.43
N ALA A 246 -1.30 14.26 7.43
CA ALA A 246 -1.01 14.83 8.75
C ALA A 246 -0.44 16.24 8.60
N GLY A 247 -1.14 17.04 7.80
CA GLY A 247 -0.78 18.43 7.54
C GLY A 247 0.53 18.66 6.82
N GLY A 248 1.03 17.66 6.09
CA GLY A 248 2.33 17.82 5.40
C GLY A 248 3.47 17.02 6.03
N GLN A 249 3.24 16.45 7.21
CA GLN A 249 4.28 15.64 7.86
C GLN A 249 4.59 14.37 7.07
N LEU A 250 3.56 13.79 6.44
CA LEU A 250 3.74 12.53 5.67
C LEU A 250 4.07 12.82 4.23
N THR A 251 5.13 13.60 4.04
CA THR A 251 5.58 14.05 2.73
C THR A 251 7.10 14.13 2.74
N ASP A 252 7.67 14.72 1.69
N ASP A 252 7.69 14.70 1.70
CA ASP A 252 9.11 14.93 1.58
CA ASP A 252 9.14 14.85 1.65
C ASP A 252 9.61 16.08 2.42
C ASP A 252 9.60 16.13 2.34
N ARG A 253 8.68 16.79 3.07
CA ARG A 253 9.02 18.03 3.82
C ARG A 253 10.18 17.89 4.81
N TYR A 254 10.17 16.82 5.60
CA TYR A 254 11.20 16.67 6.63
C TYR A 254 12.30 15.72 6.21
N LEU A 255 12.21 15.21 4.99
CA LEU A 255 13.24 14.34 4.49
C LEU A 255 14.27 15.25 3.83
N ASN A 256 13.93 15.79 2.67
CA ASN A 256 14.81 16.70 1.94
C ASN A 256 14.12 18.04 1.69
N ILE A 276 9.19 18.88 13.65
CA ILE A 276 8.69 17.65 14.27
C ILE A 276 9.70 17.07 15.25
N THR A 277 9.24 16.12 16.06
CA THR A 277 10.11 15.50 17.04
C THR A 277 11.09 14.52 16.37
N ALA A 278 12.17 14.20 17.08
CA ALA A 278 13.14 13.22 16.56
C ALA A 278 12.46 11.86 16.36
N ASP A 279 11.56 11.45 17.26
N ASP A 279 11.53 11.53 17.25
CA ASP A 279 10.88 10.16 17.11
CA ASP A 279 10.73 10.31 17.16
C ASP A 279 9.97 10.17 15.89
C ASP A 279 9.97 10.22 15.84
N LYS A 280 9.35 11.32 15.64
N LYS A 280 9.17 11.25 15.55
CA LYS A 280 8.50 11.48 14.47
CA LYS A 280 8.42 11.25 14.29
C LYS A 280 9.33 11.33 13.20
C LYS A 280 9.32 11.34 13.05
N LEU A 281 10.46 12.03 13.16
CA LEU A 281 11.37 12.04 12.02
C LEU A 281 11.84 10.62 11.69
N GLU A 282 12.16 9.85 12.72
CA GLU A 282 12.61 8.47 12.49
C GLU A 282 11.47 7.66 11.83
N LYS A 283 10.24 7.85 12.32
CA LYS A 283 9.09 7.17 11.72
C LYS A 283 8.87 7.55 10.25
N VAL A 284 8.95 8.85 9.96
CA VAL A 284 8.82 9.35 8.58
C VAL A 284 9.89 8.75 7.66
N ARG A 285 11.14 8.66 8.14
CA ARG A 285 12.18 8.03 7.32
C ARG A 285 11.92 6.55 7.03
N ARG A 286 11.46 5.81 8.04
CA ARG A 286 11.20 4.38 7.89
C ARG A 286 9.97 4.14 7.01
N LEU A 287 8.93 4.98 7.17
CA LEU A 287 7.75 4.87 6.30
C LEU A 287 8.11 5.24 4.87
N ASN A 288 8.97 6.23 4.71
CA ASN A 288 9.43 6.63 3.38
C ASN A 288 10.22 5.55 2.66
N GLU A 289 10.99 4.77 3.43
CA GLU A 289 11.73 3.67 2.82
C GLU A 289 10.80 2.60 2.31
N LEU A 290 9.75 2.28 3.08
CA LEU A 290 8.75 1.33 2.64
C LEU A 290 8.02 1.87 1.42
N ALA A 291 7.70 3.17 1.41
CA ALA A 291 7.03 3.74 0.23
C ALA A 291 7.93 3.58 -1.02
N ALA A 292 9.23 3.92 -0.89
CA ALA A 292 10.17 3.77 -2.02
C ALA A 292 10.20 2.33 -2.54
N ARG A 293 10.14 1.39 -1.60
CA ARG A 293 10.14 -0.05 -1.96
C ARG A 293 8.93 -0.45 -2.78
N ARG A 294 7.83 0.29 -2.58
CA ARG A 294 6.55 0.09 -3.25
C ARG A 294 6.46 0.91 -4.55
N GLY A 295 7.53 1.60 -4.90
CA GLY A 295 7.53 2.46 -6.08
C GLY A 295 6.74 3.76 -5.88
N GLN A 296 6.63 4.19 -4.63
CA GLN A 296 5.80 5.36 -4.25
C GLN A 296 6.54 6.41 -3.45
N LYS A 297 6.10 7.66 -3.57
CA LYS A 297 6.51 8.68 -2.64
C LYS A 297 5.81 8.38 -1.32
N LEU A 298 6.35 8.94 -0.23
CA LEU A 298 5.72 8.75 1.09
C LEU A 298 4.27 9.27 1.06
N SER A 299 4.06 10.43 0.43
CA SER A 299 2.68 10.93 0.40
C SER A 299 1.74 9.98 -0.31
N GLN A 300 2.22 9.33 -1.38
CA GLN A 300 1.40 8.39 -2.14
C GLN A 300 1.00 7.19 -1.29
N MET A 301 1.98 6.60 -0.57
CA MET A 301 1.69 5.48 0.30
C MET A 301 0.75 5.89 1.42
N ALA A 302 0.94 7.11 1.96
CA ALA A 302 0.12 7.58 3.08
C ALA A 302 -1.37 7.72 2.66
N LEU A 303 -1.58 8.20 1.44
CA LEU A 303 -2.97 8.27 0.92
C LEU A 303 -3.57 6.89 0.67
N ALA A 304 -2.79 6.02 0.01
CA ALA A 304 -3.21 4.67 -0.25
C ALA A 304 -3.57 3.96 1.03
N TRP A 305 -2.76 4.17 2.06
CA TRP A 305 -2.98 3.48 3.35
C TRP A 305 -4.36 3.79 3.96
N VAL A 306 -4.82 5.05 3.84
CA VAL A 306 -6.14 5.38 4.37
C VAL A 306 -7.26 4.56 3.74
N LEU A 307 -7.13 4.15 2.48
N LEU A 307 -7.07 4.26 2.44
CA LEU A 307 -8.19 3.35 1.83
CA LEU A 307 -8.01 3.52 1.59
C LEU A 307 -7.93 1.82 1.92
C LEU A 307 -7.55 2.08 1.31
N ARG A 308 -6.88 1.43 2.64
N ARG A 308 -6.87 1.48 2.27
CA ARG A 308 -6.43 0.02 2.63
CA ARG A 308 -6.35 0.11 2.10
C ARG A 308 -7.42 -1.06 3.08
C ARG A 308 -7.39 -0.99 2.31
N ASN A 309 -8.38 -0.70 3.93
N ASN A 309 -8.19 -0.86 3.38
CA ASN A 309 -9.31 -1.71 4.45
CA ASN A 309 -9.19 -1.88 3.74
C ASN A 309 -10.66 -1.65 3.77
C ASN A 309 -10.53 -1.55 3.13
N ASP A 310 -10.77 -0.81 2.73
N ASP A 310 -10.61 -0.34 2.59
CA ASP A 310 -12.06 -0.61 2.05
CA ASP A 310 -11.82 0.12 1.94
C ASP A 310 -13.23 -0.24 2.98
C ASP A 310 -12.96 0.38 2.93
N ASN A 311 -12.91 0.49 4.07
N ASN A 311 -12.56 0.68 4.17
CA ASN A 311 -13.89 1.04 5.02
CA ASN A 311 -13.46 1.06 5.25
C ASN A 311 -13.80 2.58 5.14
C ASN A 311 -13.66 2.57 5.22
N VAL A 312 -13.08 3.19 4.19
CA VAL A 312 -13.11 4.66 4.06
C VAL A 312 -13.40 4.90 2.58
N THR A 313 -14.26 5.86 2.24
CA THR A 313 -14.58 6.06 0.83
C THR A 313 -13.53 6.81 0.01
N SER A 314 -13.04 7.94 0.54
CA SER A 314 -12.15 8.81 -0.23
C SER A 314 -11.21 9.53 0.71
N VAL A 315 -10.15 10.06 0.14
N VAL A 315 -10.11 10.03 0.17
CA VAL A 315 -9.19 10.87 0.89
CA VAL A 315 -9.18 10.87 0.94
C VAL A 315 -9.26 12.30 0.35
C VAL A 315 -9.26 12.29 0.37
N LEU A 316 -9.33 13.28 1.25
CA LEU A 316 -9.44 14.68 0.85
C LEU A 316 -8.06 15.32 0.98
N ILE A 317 -7.46 15.66 -0.16
CA ILE A 317 -6.12 16.25 -0.15
C ILE A 317 -6.19 17.78 -0.20
N GLY A 318 -5.14 18.41 0.30
CA GLY A 318 -4.96 19.83 0.03
C GLY A 318 -3.83 19.92 -0.98
N ALA A 319 -3.72 21.06 -1.65
CA ALA A 319 -2.65 21.28 -2.63
C ALA A 319 -2.40 22.74 -2.82
N SER A 320 -1.13 23.08 -3.05
CA SER A 320 -0.76 24.43 -3.39
C SER A 320 -0.20 24.46 -4.81
N LYS A 321 0.15 23.31 -5.37
N LYS A 321 0.14 23.28 -5.34
CA LYS A 321 0.64 23.30 -6.76
CA LYS A 321 0.75 23.14 -6.68
C LYS A 321 0.17 22.04 -7.48
C LYS A 321 0.11 21.99 -7.47
N PRO A 322 -0.04 22.14 -8.80
CA PRO A 322 -0.58 21.05 -9.59
C PRO A 322 0.17 19.71 -9.45
N SER A 323 1.48 19.75 -9.26
CA SER A 323 2.25 18.51 -9.08
C SER A 323 1.82 17.66 -7.89
N GLN A 324 1.27 18.31 -6.85
N GLN A 324 1.32 18.30 -6.83
CA GLN A 324 0.81 17.57 -5.65
CA GLN A 324 0.82 17.53 -5.68
C GLN A 324 -0.48 16.81 -5.94
C GLN A 324 -0.39 16.71 -6.11
N ILE A 325 -1.29 17.34 -6.88
CA ILE A 325 -2.49 16.66 -7.33
C ILE A 325 -2.09 15.47 -8.21
N GLU A 326 -1.14 15.67 -9.12
N GLU A 326 -1.10 15.69 -9.07
CA GLU A 326 -0.67 14.56 -9.96
CA GLU A 326 -0.57 14.64 -9.96
C GLU A 326 -0.13 13.44 -9.05
C GLU A 326 0.02 13.48 -9.16
N ASP A 327 0.71 13.81 -8.08
CA ASP A 327 1.29 12.80 -7.16
C ASP A 327 0.19 12.02 -6.45
N ALA A 328 -0.83 12.74 -5.93
CA ALA A 328 -1.91 12.07 -5.21
C ALA A 328 -2.63 11.05 -6.09
N VAL A 329 -2.98 11.45 -7.31
CA VAL A 329 -3.70 10.54 -8.18
C VAL A 329 -2.80 9.34 -8.54
N GLY A 330 -1.50 9.61 -8.64
CA GLY A 330 -0.53 8.54 -8.96
C GLY A 330 -0.49 7.47 -7.88
N MET A 331 -1.04 7.75 -6.72
CA MET A 331 -1.06 6.71 -5.66
C MET A 331 -1.84 5.47 -6.07
N LEU A 332 -2.76 5.64 -7.03
CA LEU A 332 -3.63 4.55 -7.44
C LEU A 332 -2.88 3.41 -8.13
N ALA A 333 -1.65 3.69 -8.58
CA ALA A 333 -0.81 2.66 -9.26
C ALA A 333 -0.47 1.56 -8.27
N ASN A 334 -0.49 1.87 -6.97
CA ASN A 334 -0.23 0.83 -5.95
C ASN A 334 -1.01 1.06 -4.66
N ARG A 335 -2.28 0.65 -4.67
N ARG A 335 -2.29 0.69 -4.61
CA ARG A 335 -3.19 0.81 -3.52
CA ARG A 335 -3.00 0.91 -3.35
C ARG A 335 -3.13 -0.30 -2.50
C ARG A 335 -3.32 -0.38 -2.58
N ARG A 336 -2.63 -1.46 -2.91
CA ARG A 336 -2.72 -2.68 -2.13
C ARG A 336 -1.71 -2.72 -0.99
N PHE A 337 -2.14 -3.23 0.16
CA PHE A 337 -1.22 -3.46 1.29
C PHE A 337 -1.42 -4.89 1.72
N SER A 338 -0.33 -5.63 1.92
CA SER A 338 -0.45 -6.98 2.41
C SER A 338 -0.51 -6.97 3.93
N ALA A 339 -0.90 -8.11 4.53
CA ALA A 339 -0.84 -8.21 5.98
C ALA A 339 0.57 -7.88 6.50
N ALA A 340 1.58 -8.35 5.78
CA ALA A 340 2.97 -8.12 6.20
C ALA A 340 3.31 -6.63 6.20
N GLU A 341 2.88 -5.92 5.17
CA GLU A 341 3.13 -4.47 5.07
C GLU A 341 2.41 -3.71 6.17
N CYS A 342 1.18 -4.11 6.48
CA CYS A 342 0.45 -3.48 7.58
C CYS A 342 1.14 -3.69 8.93
N ALA A 343 1.68 -4.89 9.15
CA ALA A 343 2.38 -5.15 10.40
C ALA A 343 3.69 -4.35 10.48
N GLU A 344 4.36 -4.21 9.33
CA GLU A 344 5.60 -3.43 9.25
C GLU A 344 5.31 -1.97 9.58
N ILE A 345 4.24 -1.45 9.00
CA ILE A 345 3.84 -0.08 9.32
C ILE A 345 3.46 0.10 10.79
N ASP A 346 2.66 -0.82 11.31
CA ASP A 346 2.25 -0.70 12.74
C ASP A 346 3.46 -0.74 13.68
N ALA A 347 4.43 -1.61 13.38
CA ALA A 347 5.65 -1.70 14.19
C ALA A 347 6.46 -0.40 14.12
N ILE A 348 6.54 0.20 12.92
CA ILE A 348 7.20 1.51 12.78
C ILE A 348 6.48 2.58 13.61
N LEU A 349 5.15 2.57 13.57
CA LEU A 349 4.37 3.57 14.29
C LEU A 349 4.45 3.48 15.81
N GLU A 350 4.58 2.24 16.31
N GLU A 350 4.57 2.26 16.34
CA GLU A 350 4.69 1.91 17.74
CA GLU A 350 4.70 2.10 17.80
C GLU A 350 6.14 1.93 18.21
C GLU A 350 6.16 2.22 18.22
N GLY A 351 7.06 2.08 17.26
CA GLY A 351 8.52 2.13 17.53
C GLY A 351 8.96 3.29 18.38
N ARG A 352 9.91 3.07 19.27
N ARG A 352 9.91 3.01 19.28
CA ARG A 352 10.43 4.17 20.08
CA ARG A 352 10.44 3.96 20.26
C ARG A 352 11.89 4.44 19.76
C ARG A 352 11.95 4.12 20.10
N PHE A 353 12.51 3.47 19.08
CA PHE A 353 13.94 3.55 18.74
C PHE A 353 14.20 2.75 17.46
N ILE B 23 13.02 -43.55 6.89
CA ILE B 23 14.20 -42.88 6.24
C ILE B 23 13.84 -42.40 4.82
N TYR B 24 13.94 -41.10 4.65
CA TYR B 24 13.63 -40.45 3.39
C TYR B 24 14.75 -40.66 2.40
N GLN B 25 14.38 -40.95 1.15
N GLN B 25 14.41 -40.95 1.15
CA GLN B 25 15.37 -41.05 0.09
CA GLN B 25 15.42 -41.06 0.10
C GLN B 25 14.95 -40.15 -1.07
C GLN B 25 14.98 -40.17 -1.06
N PRO B 26 15.75 -39.12 -1.35
CA PRO B 26 15.44 -38.20 -2.45
C PRO B 26 15.17 -38.95 -3.75
N ASP B 27 14.16 -38.50 -4.51
CA ASP B 27 13.81 -39.13 -5.78
C ASP B 27 15.02 -39.13 -6.73
N GLU B 28 15.37 -40.30 -7.27
CA GLU B 28 16.53 -40.40 -8.16
C GLU B 28 16.39 -39.59 -9.45
N ASN B 29 15.16 -39.19 -9.79
CA ASN B 29 14.88 -38.43 -10.99
C ASN B 29 14.76 -36.93 -10.76
N ARG B 30 15.12 -36.49 -9.55
CA ARG B 30 14.92 -35.09 -9.17
C ARG B 30 15.60 -34.06 -10.04
N TYR B 31 16.72 -34.44 -10.70
CA TYR B 31 17.40 -33.47 -11.54
C TYR B 31 17.05 -33.64 -13.03
N HIS B 32 16.04 -34.45 -13.33
CA HIS B 32 15.74 -34.72 -14.75
C HIS B 32 14.82 -33.73 -15.46
N THR B 33 13.99 -33.02 -14.71
CA THR B 33 13.02 -32.08 -15.27
C THR B 33 13.23 -30.61 -14.87
N MET B 34 13.54 -30.38 -13.59
CA MET B 34 13.70 -28.99 -13.12
C MET B 34 14.70 -28.22 -13.99
N GLU B 35 14.38 -26.95 -14.25
N GLU B 35 14.42 -26.96 -14.27
CA GLU B 35 15.26 -26.00 -14.94
CA GLU B 35 15.39 -26.11 -14.97
C GLU B 35 16.18 -25.36 -13.88
C GLU B 35 16.15 -25.26 -13.97
N TYR B 36 17.46 -25.13 -14.20
CA TYR B 36 18.37 -24.37 -13.28
C TYR B 36 18.86 -23.16 -14.01
N ARG B 37 18.87 -22.02 -13.33
CA ARG B 37 19.12 -20.73 -13.96
C ARG B 37 20.24 -20.03 -13.24
N ARG B 38 21.23 -19.56 -13.99
CA ARG B 38 22.39 -18.93 -13.36
C ARG B 38 21.99 -17.61 -12.74
N CYS B 39 22.46 -17.37 -11.52
N CYS B 39 22.50 -17.39 -11.52
CA CYS B 39 22.13 -16.21 -10.75
CA CYS B 39 22.31 -16.18 -10.75
C CYS B 39 23.06 -15.05 -11.15
C CYS B 39 23.18 -15.09 -11.28
N GLY B 40 22.62 -14.21 -12.11
CA GLY B 40 23.45 -13.11 -12.61
C GLY B 40 24.74 -13.67 -13.23
N ARG B 41 25.84 -12.97 -13.06
N ARG B 41 25.86 -12.98 -13.09
CA ARG B 41 27.14 -13.48 -13.48
CA ARG B 41 27.13 -13.56 -13.55
C ARG B 41 27.80 -14.04 -12.21
C ARG B 41 27.88 -14.07 -12.31
N SER B 42 27.60 -15.34 -12.03
CA SER B 42 28.12 -16.03 -10.82
C SER B 42 28.19 -17.50 -11.13
N GLY B 43 28.64 -18.29 -10.14
CA GLY B 43 28.68 -19.73 -10.31
C GLY B 43 27.43 -20.45 -9.85
N VAL B 44 26.47 -19.70 -9.29
CA VAL B 44 25.30 -20.32 -8.67
C VAL B 44 24.11 -20.43 -9.62
N LYS B 45 23.61 -21.67 -9.78
CA LYS B 45 22.39 -21.88 -10.58
C LYS B 45 21.29 -22.25 -9.61
N LEU B 46 20.22 -21.48 -9.61
CA LEU B 46 19.07 -21.72 -8.73
C LEU B 46 17.99 -22.49 -9.51
N PRO B 47 17.24 -23.33 -8.80
CA PRO B 47 16.09 -23.94 -9.51
C PRO B 47 15.16 -22.81 -9.97
N ALA B 48 14.50 -22.99 -11.11
CA ALA B 48 13.55 -21.96 -11.55
C ALA B 48 12.45 -21.70 -10.52
N ILE B 49 12.04 -22.76 -9.80
CA ILE B 49 11.12 -22.63 -8.66
C ILE B 49 11.91 -22.92 -7.34
N SER B 50 11.89 -21.95 -6.41
CA SER B 50 12.51 -22.09 -5.08
C SER B 50 11.39 -22.11 -4.06
N LEU B 51 11.63 -22.71 -2.91
CA LEU B 51 10.59 -22.76 -1.88
C LEU B 51 10.95 -21.86 -0.71
N GLY B 52 10.04 -20.97 -0.36
CA GLY B 52 10.22 -20.10 0.81
C GLY B 52 9.50 -20.64 2.02
N LEU B 53 10.09 -20.41 3.18
CA LEU B 53 9.51 -20.92 4.43
C LEU B 53 8.84 -19.82 5.27
N TRP B 54 8.49 -18.73 4.61
CA TRP B 54 7.83 -17.55 5.23
C TRP B 54 6.59 -17.99 5.98
N HIS B 55 5.77 -18.83 5.35
CA HIS B 55 4.57 -19.35 6.02
C HIS B 55 4.53 -20.89 6.00
N ASN B 56 3.88 -21.49 7.00
CA ASN B 56 3.63 -22.93 7.12
C ASN B 56 4.79 -23.78 7.62
N PHE B 57 5.77 -23.10 8.25
CA PHE B 57 6.90 -23.79 8.85
C PHE B 57 7.13 -23.45 10.31
N GLY B 58 6.19 -22.71 10.92
CA GLY B 58 6.26 -22.35 12.32
C GLY B 58 5.63 -23.37 13.27
N ASP B 59 5.50 -22.96 14.53
CA ASP B 59 4.99 -23.87 15.56
C ASP B 59 3.45 -23.91 15.55
N THR B 60 2.84 -23.09 14.69
CA THR B 60 1.37 -23.08 14.57
C THR B 60 0.89 -23.98 13.43
N THR B 61 1.81 -24.66 12.75
N THR B 61 1.85 -24.60 12.73
CA THR B 61 1.42 -25.66 11.75
CA THR B 61 1.56 -25.55 11.68
C THR B 61 2.16 -26.99 12.03
C THR B 61 1.91 -26.90 12.27
N ARG B 62 1.57 -28.10 11.61
N ARG B 62 1.77 -27.96 11.46
CA ARG B 62 2.12 -29.42 11.94
CA ARG B 62 2.12 -29.31 11.87
C ARG B 62 3.42 -29.73 11.24
C ARG B 62 3.46 -29.64 11.24
N VAL B 63 4.39 -30.19 12.02
CA VAL B 63 5.70 -30.59 11.43
C VAL B 63 5.56 -31.69 10.37
N GLU B 64 4.58 -32.58 10.52
N GLU B 64 4.57 -32.58 10.49
CA GLU B 64 4.40 -33.62 9.52
CA GLU B 64 4.38 -33.63 9.48
C GLU B 64 4.22 -32.99 8.15
C GLU B 64 4.09 -32.99 8.12
N ASN B 65 3.41 -31.93 8.08
N ASN B 65 3.44 -31.84 8.14
CA ASN B 65 3.17 -31.25 6.81
CA ASN B 65 3.12 -31.14 6.89
C ASN B 65 4.44 -30.52 6.33
C ASN B 65 4.32 -30.40 6.33
N SER B 66 5.08 -29.77 7.22
CA SER B 66 6.33 -29.08 6.84
C SER B 66 7.33 -30.06 6.22
N ARG B 67 7.49 -31.21 6.88
CA ARG B 67 8.41 -32.24 6.40
C ARG B 67 8.01 -32.73 5.03
N ALA B 68 6.70 -32.95 4.83
CA ALA B 68 6.24 -33.41 3.52
C ALA B 68 6.49 -32.37 2.44
N LEU B 69 6.35 -31.07 2.76
CA LEU B 69 6.59 -30.02 1.77
C LEU B 69 8.08 -30.04 1.37
N LEU B 70 9.00 -30.11 2.34
CA LEU B 70 10.43 -30.09 1.98
C LEU B 70 10.83 -31.29 1.17
N GLN B 71 10.34 -32.48 1.56
CA GLN B 71 10.67 -33.68 0.81
C GLN B 71 10.10 -33.65 -0.61
N ARG B 72 8.86 -33.20 -0.77
CA ARG B 72 8.28 -33.12 -2.13
C ARG B 72 9.07 -32.13 -2.97
N ALA B 73 9.44 -30.99 -2.38
CA ALA B 73 10.20 -29.99 -3.10
C ALA B 73 11.53 -30.53 -3.63
N PHE B 74 12.34 -31.13 -2.75
CA PHE B 74 13.64 -31.65 -3.18
C PHE B 74 13.45 -32.79 -4.19
N ASP B 75 12.42 -33.60 -3.98
CA ASP B 75 12.13 -34.68 -4.96
C ASP B 75 11.82 -34.19 -6.37
N LEU B 76 11.31 -32.96 -6.47
CA LEU B 76 11.00 -32.34 -7.74
C LEU B 76 12.15 -31.47 -8.25
N GLY B 77 13.30 -31.50 -7.55
CA GLY B 77 14.49 -30.74 -8.00
C GLY B 77 14.65 -29.33 -7.42
N ILE B 78 13.76 -28.97 -6.48
CA ILE B 78 13.88 -27.66 -5.82
C ILE B 78 15.02 -27.80 -4.80
N THR B 79 16.12 -27.08 -5.06
CA THR B 79 17.33 -27.20 -4.25
C THR B 79 17.54 -25.99 -3.37
N HIS B 80 16.64 -25.00 -3.44
CA HIS B 80 16.82 -23.78 -2.68
C HIS B 80 15.66 -23.58 -1.74
N PHE B 81 15.98 -23.50 -0.45
N PHE B 81 15.99 -23.41 -0.47
CA PHE B 81 15.04 -23.23 0.64
CA PHE B 81 15.04 -23.19 0.61
C PHE B 81 15.42 -21.89 1.24
C PHE B 81 15.41 -21.90 1.28
N ASP B 82 14.45 -20.98 1.30
CA ASP B 82 14.70 -19.58 1.79
C ASP B 82 14.05 -19.34 3.12
N LEU B 83 14.85 -18.97 4.11
CA LEU B 83 14.37 -18.71 5.47
C LEU B 83 14.71 -17.27 5.87
N ALA B 84 14.35 -16.92 7.10
CA ALA B 84 14.75 -15.65 7.73
C ALA B 84 14.67 -15.85 9.19
N ASN B 85 15.38 -15.01 9.95
CA ASN B 85 15.36 -15.21 11.39
C ASN B 85 13.95 -15.21 11.97
N ASN B 86 13.06 -14.34 11.53
N ASN B 86 13.13 -14.27 11.47
CA ASN B 86 11.82 -14.23 12.27
CA ASN B 86 11.79 -13.94 11.96
C ASN B 86 10.65 -15.02 11.72
C ASN B 86 10.61 -14.78 11.44
N TYR B 87 10.92 -15.83 10.69
CA TYR B 87 9.86 -16.66 10.12
C TYR B 87 9.31 -17.62 11.13
N GLY B 88 8.00 -17.80 11.09
CA GLY B 88 7.34 -18.69 12.03
C GLY B 88 5.85 -18.65 11.74
N PRO B 89 5.02 -18.28 12.73
CA PRO B 89 5.34 -17.83 14.07
C PRO B 89 5.50 -18.97 15.04
N PRO B 90 6.17 -18.72 16.18
CA PRO B 90 6.81 -17.50 16.64
C PRO B 90 8.15 -17.30 15.91
N PRO B 91 8.74 -16.11 16.03
CA PRO B 91 10.04 -15.85 15.39
C PRO B 91 11.08 -16.90 15.74
N GLY B 92 11.76 -17.40 14.71
CA GLY B 92 12.81 -18.38 14.89
C GLY B 92 12.32 -19.80 14.73
N SER B 93 10.99 -20.05 14.82
CA SER B 93 10.53 -21.43 14.77
C SER B 93 10.68 -22.09 13.40
N ALA B 94 10.53 -21.32 12.31
CA ALA B 94 10.74 -21.95 11.01
C ALA B 94 12.19 -22.45 10.91
N GLU B 95 13.15 -21.63 11.33
CA GLU B 95 14.55 -22.08 11.34
C GLU B 95 14.74 -23.34 12.21
N CYS B 96 14.10 -23.37 13.38
N CYS B 96 14.06 -23.36 13.34
CA CYS B 96 14.21 -24.56 14.24
CA CYS B 96 14.17 -24.47 14.25
C CYS B 96 13.61 -25.81 13.62
C CYS B 96 13.58 -25.78 13.71
N ASN B 97 12.42 -25.67 13.07
CA ASN B 97 11.77 -26.83 12.43
C ASN B 97 12.54 -27.30 11.21
N PHE B 98 12.98 -26.33 10.39
CA PHE B 98 13.83 -26.69 9.24
C PHE B 98 15.11 -27.39 9.73
N GLY B 99 15.70 -26.89 10.83
CA GLY B 99 16.94 -27.44 11.39
C GLY B 99 16.74 -28.93 11.76
N ARG B 100 15.60 -29.18 12.38
CA ARG B 100 15.29 -30.56 12.79
C ARG B 100 15.10 -31.46 11.58
N ILE B 101 14.34 -30.99 10.59
CA ILE B 101 14.08 -31.81 9.39
C ILE B 101 15.37 -32.03 8.61
N LEU B 102 16.21 -31.01 8.58
CA LEU B 102 17.53 -31.12 7.92
C LEU B 102 18.35 -32.23 8.59
N GLN B 103 18.46 -32.17 9.91
N GLN B 103 18.45 -32.16 9.92
CA GLN B 103 19.24 -33.19 10.63
CA GLN B 103 19.21 -33.14 10.70
C GLN B 103 18.67 -34.59 10.39
C GLN B 103 18.68 -34.57 10.60
N GLU B 104 17.36 -34.71 10.49
CA GLU B 104 16.74 -36.00 10.39
C GLU B 104 16.72 -36.59 8.99
N ASP B 105 16.45 -35.76 7.97
CA ASP B 105 16.16 -36.28 6.63
C ASP B 105 17.15 -35.89 5.53
N PHE B 106 17.80 -34.74 5.67
CA PHE B 106 18.54 -34.18 4.53
C PHE B 106 20.05 -34.08 4.69
N LEU B 107 20.60 -34.43 5.85
CA LEU B 107 21.99 -34.12 6.11
C LEU B 107 22.98 -34.64 5.03
N PRO B 108 22.77 -35.88 4.55
CA PRO B 108 23.69 -36.38 3.51
C PRO B 108 23.68 -35.57 2.22
N TRP B 109 22.62 -34.80 2.01
CA TRP B 109 22.47 -34.01 0.80
C TRP B 109 22.63 -32.51 1.05
N ARG B 110 23.20 -32.13 2.19
CA ARG B 110 23.31 -30.66 2.46
C ARG B 110 24.09 -29.93 1.39
N ASP B 111 25.11 -30.58 0.82
CA ASP B 111 25.91 -29.91 -0.23
C ASP B 111 25.19 -29.81 -1.59
N GLU B 112 24.00 -30.39 -1.68
CA GLU B 112 23.09 -30.23 -2.84
C GLU B 112 22.07 -29.11 -2.62
N LEU B 113 22.11 -28.45 -1.45
CA LEU B 113 21.11 -27.43 -1.14
C LEU B 113 21.71 -26.07 -1.06
N ILE B 114 20.89 -25.08 -1.43
CA ILE B 114 21.24 -23.66 -1.18
C ILE B 114 20.24 -23.21 -0.09
N ILE B 115 20.75 -22.89 1.10
CA ILE B 115 19.93 -22.51 2.24
C ILE B 115 20.20 -21.05 2.53
N SER B 116 19.15 -20.20 2.55
CA SER B 116 19.41 -18.79 2.88
C SER B 116 18.75 -18.41 4.22
N THR B 117 19.30 -17.39 4.84
CA THR B 117 18.56 -16.73 5.93
C THR B 117 18.82 -15.23 5.85
N LYS B 118 18.21 -14.48 6.78
CA LYS B 118 18.27 -13.00 6.65
C LYS B 118 18.16 -12.36 8.04
N ALA B 119 18.54 -11.10 8.12
CA ALA B 119 18.27 -10.29 9.32
C ALA B 119 17.96 -8.88 8.80
N GLY B 120 17.07 -8.16 9.49
CA GLY B 120 16.76 -6.77 9.12
C GLY B 120 15.37 -6.32 9.56
N TYR B 121 14.48 -7.27 9.83
CA TYR B 121 13.16 -6.97 10.42
C TYR B 121 13.19 -7.23 11.93
N THR B 122 12.07 -7.03 12.65
CA THR B 122 12.10 -7.24 14.11
C THR B 122 12.25 -8.70 14.49
N MET B 123 13.29 -9.00 15.28
CA MET B 123 13.52 -10.36 15.73
C MET B 123 13.45 -10.44 17.25
N TRP B 124 14.19 -9.60 17.95
CA TRP B 124 14.13 -9.61 19.44
C TRP B 124 13.90 -8.19 19.90
N ASP B 125 13.55 -8.03 21.17
N ASP B 125 13.48 -8.00 21.14
CA ASP B 125 13.21 -6.69 21.67
CA ASP B 125 13.13 -6.64 21.58
C ASP B 125 14.43 -5.77 21.85
C ASP B 125 14.36 -5.79 21.88
N GLY B 126 14.20 -4.47 21.81
CA GLY B 126 15.28 -3.53 22.09
C GLY B 126 16.01 -3.06 20.84
N PRO B 127 16.93 -2.10 21.00
CA PRO B 127 17.57 -1.45 19.85
C PRO B 127 18.56 -2.29 19.04
N TYR B 128 18.86 -3.52 19.47
CA TYR B 128 19.84 -4.34 18.78
C TYR B 128 19.20 -5.53 18.10
N GLY B 129 17.86 -5.57 18.07
CA GLY B 129 17.14 -6.75 17.55
C GLY B 129 16.34 -6.50 16.29
N ASP B 130 16.70 -5.47 15.53
CA ASP B 130 15.96 -5.07 14.34
C ASP B 130 16.91 -4.15 13.58
N TRP B 131 16.56 -3.87 12.33
CA TRP B 131 17.26 -2.89 11.52
C TRP B 131 18.63 -3.31 10.96
N GLY B 132 19.58 -2.38 10.85
CA GLY B 132 20.79 -2.69 10.07
C GLY B 132 22.17 -2.69 10.70
N SER B 133 22.22 -2.70 12.03
CA SER B 133 23.58 -2.59 12.64
C SER B 133 24.37 -3.87 12.49
N ARG B 134 25.68 -3.68 12.55
CA ARG B 134 26.62 -4.81 12.59
C ARG B 134 26.31 -5.72 13.76
N LYS B 135 26.06 -5.15 14.95
CA LYS B 135 25.71 -5.98 16.12
C LYS B 135 24.52 -6.90 15.80
N TYR B 136 23.44 -6.35 15.27
CA TYR B 136 22.26 -7.19 14.99
C TYR B 136 22.55 -8.25 13.94
N LEU B 137 23.18 -7.86 12.84
CA LEU B 137 23.40 -8.84 11.77
C LEU B 137 24.30 -9.99 12.26
N ILE B 138 25.40 -9.66 12.93
CA ILE B 138 26.33 -10.71 13.38
C ILE B 138 25.67 -11.58 14.47
N ALA B 139 25.06 -10.96 15.49
CA ALA B 139 24.43 -11.73 16.53
C ALA B 139 23.28 -12.58 15.96
N SER B 140 22.54 -12.03 14.98
CA SER B 140 21.42 -12.77 14.42
C SER B 140 21.86 -13.96 13.61
N LEU B 141 22.90 -13.82 12.78
CA LEU B 141 23.33 -15.00 12.01
C LEU B 141 23.85 -16.06 12.96
N ASP B 142 24.53 -15.65 14.04
CA ASP B 142 24.97 -16.67 15.01
C ASP B 142 23.75 -17.45 15.56
N GLN B 143 22.67 -16.74 15.91
CA GLN B 143 21.45 -17.43 16.40
C GLN B 143 20.85 -18.34 15.34
N SER B 144 20.78 -17.85 14.10
CA SER B 144 20.22 -18.65 13.02
C SER B 144 21.02 -19.94 12.76
N LEU B 145 22.35 -19.82 12.71
CA LEU B 145 23.20 -21.01 12.54
C LEU B 145 22.93 -22.03 13.67
N LYS B 146 22.79 -21.56 14.92
CA LYS B 146 22.44 -22.47 16.03
C LYS B 146 21.08 -23.12 15.87
N ARG B 147 20.04 -22.33 15.54
CA ARG B 147 18.70 -22.89 15.35
C ARG B 147 18.65 -23.92 14.22
N MET B 148 19.38 -23.66 13.13
CA MET B 148 19.36 -24.54 11.97
C MET B 148 20.36 -25.70 12.07
N GLY B 149 21.29 -25.62 13.01
CA GLY B 149 22.36 -26.61 13.15
C GLY B 149 23.30 -26.65 11.96
N LEU B 150 23.66 -25.47 11.45
CA LEU B 150 24.53 -25.36 10.28
C LEU B 150 25.83 -24.66 10.63
N GLU B 151 26.91 -25.01 9.91
N GLU B 151 26.90 -25.05 9.93
CA GLU B 151 28.19 -24.30 10.02
CA GLU B 151 28.18 -24.34 10.00
C GLU B 151 28.18 -22.97 9.24
C GLU B 151 28.05 -22.96 9.32
N TYR B 152 27.36 -22.92 8.18
CA TYR B 152 27.21 -21.68 7.39
C TYR B 152 25.93 -21.76 6.60
N VAL B 153 25.42 -20.60 6.21
CA VAL B 153 24.33 -20.58 5.20
C VAL B 153 24.95 -20.33 3.84
N ASP B 154 24.23 -20.70 2.79
CA ASP B 154 24.73 -20.43 1.44
C ASP B 154 24.58 -18.95 1.10
N ILE B 155 23.45 -18.35 1.51
CA ILE B 155 23.21 -16.91 1.25
C ILE B 155 22.67 -16.26 2.52
N PHE B 156 23.31 -15.16 2.93
CA PHE B 156 22.80 -14.37 4.03
C PHE B 156 22.38 -13.00 3.47
N TYR B 157 21.14 -12.63 3.76
CA TYR B 157 20.62 -11.33 3.31
C TYR B 157 20.44 -10.27 4.36
N HIS B 158 20.66 -9.02 3.95
CA HIS B 158 20.08 -7.91 4.73
C HIS B 158 18.59 -7.86 4.24
N HIS B 159 17.65 -8.03 5.15
CA HIS B 159 16.25 -8.32 4.82
C HIS B 159 15.47 -7.09 4.33
N ARG B 160 15.86 -5.89 4.74
CA ARG B 160 15.24 -4.63 4.26
C ARG B 160 16.21 -3.53 4.57
N PRO B 161 16.14 -2.45 3.81
CA PRO B 161 17.02 -1.31 4.08
C PRO B 161 16.75 -0.64 5.42
N ASP B 162 17.81 -0.08 6.01
CA ASP B 162 17.68 0.73 7.21
C ASP B 162 18.08 2.15 6.81
N PRO B 163 17.11 3.09 6.83
CA PRO B 163 17.44 4.43 6.32
C PRO B 163 18.33 5.28 7.22
N GLU B 164 18.67 4.80 8.41
CA GLU B 164 19.47 5.63 9.33
C GLU B 164 20.82 5.03 9.74
N THR B 165 21.05 3.78 9.41
CA THR B 165 22.40 3.20 9.70
C THR B 165 23.18 3.32 8.41
N PRO B 166 24.46 3.77 8.46
CA PRO B 166 25.23 3.92 7.23
C PRO B 166 25.29 2.61 6.47
N LEU B 167 25.06 2.69 5.17
CA LEU B 167 25.07 1.48 4.39
C LEU B 167 26.41 0.76 4.50
N LYS B 168 27.52 1.50 4.58
N LYS B 168 27.50 1.51 4.64
CA LYS B 168 28.81 0.88 4.75
CA LYS B 168 28.83 0.92 4.78
C LYS B 168 28.87 -0.03 5.99
C LYS B 168 28.99 0.05 6.03
N GLU B 169 28.28 0.36 7.11
CA GLU B 169 28.36 -0.52 8.31
C GLU B 169 27.66 -1.84 7.99
N THR B 170 26.47 -1.76 7.41
CA THR B 170 25.71 -2.98 7.13
C THR B 170 26.44 -3.88 6.12
N MET B 171 26.94 -3.23 5.05
CA MET B 171 27.68 -3.99 4.02
C MET B 171 28.98 -4.61 4.55
N LYS B 172 29.68 -3.88 5.42
N LYS B 172 29.64 -3.92 5.47
CA LYS B 172 30.86 -4.46 6.06
CA LYS B 172 30.85 -4.48 6.05
C LYS B 172 30.56 -5.67 6.96
C LYS B 172 30.56 -5.67 6.96
N ALA B 173 29.37 -5.68 7.59
CA ALA B 173 28.96 -6.82 8.39
C ALA B 173 28.78 -8.03 7.46
N LEU B 174 28.15 -7.82 6.28
CA LEU B 174 28.00 -8.90 5.29
C LEU B 174 29.36 -9.42 4.83
N ASP B 175 30.25 -8.50 4.48
CA ASP B 175 31.62 -8.84 4.05
C ASP B 175 32.34 -9.65 5.14
N HIS B 176 32.24 -9.20 6.39
CA HIS B 176 32.87 -9.90 7.51
C HIS B 176 32.33 -11.33 7.66
N LEU B 177 31.02 -11.51 7.53
CA LEU B 177 30.43 -12.84 7.68
C LEU B 177 30.86 -13.82 6.59
N VAL B 178 31.08 -13.33 5.37
CA VAL B 178 31.58 -14.20 4.31
C VAL B 178 33.06 -14.51 4.56
N ARG B 179 33.85 -13.50 4.89
CA ARG B 179 35.27 -13.71 5.12
C ARG B 179 35.50 -14.68 6.27
N HIS B 180 34.57 -14.70 7.23
N HIS B 180 34.60 -14.68 7.25
CA HIS B 180 34.70 -15.60 8.37
CA HIS B 180 34.72 -15.56 8.44
C HIS B 180 33.92 -16.88 8.31
C HIS B 180 34.19 -16.99 8.18
N GLY B 181 33.47 -17.17 7.09
CA GLY B 181 32.94 -18.44 6.73
C GLY B 181 31.57 -18.79 7.29
N LYS B 182 30.82 -17.78 7.70
N LYS B 182 30.83 -17.76 7.69
CA LYS B 182 29.46 -18.06 8.21
CA LYS B 182 29.48 -17.94 8.22
C LYS B 182 28.41 -17.99 7.09
C LYS B 182 28.42 -17.95 7.12
N ALA B 183 28.80 -17.43 5.95
CA ALA B 183 27.90 -17.38 4.78
C ALA B 183 28.81 -17.54 3.55
N LEU B 184 28.38 -18.33 2.58
CA LEU B 184 29.20 -18.45 1.34
C LEU B 184 29.02 -17.23 0.45
N TYR B 185 27.79 -16.70 0.41
CA TYR B 185 27.45 -15.54 -0.42
C TYR B 185 26.48 -14.65 0.37
N VAL B 186 26.36 -13.39 -0.07
CA VAL B 186 25.39 -12.47 0.53
C VAL B 186 24.46 -11.85 -0.52
N GLY B 187 23.34 -11.34 -0.02
CA GLY B 187 22.37 -10.67 -0.88
C GLY B 187 21.67 -9.56 -0.15
N ILE B 188 20.84 -8.85 -0.91
CA ILE B 188 20.03 -7.82 -0.35
C ILE B 188 18.59 -8.07 -0.74
N SER B 189 17.67 -7.65 0.10
CA SER B 189 16.25 -7.83 -0.20
C SER B 189 15.50 -6.54 0.06
N ASN B 190 14.53 -6.25 -0.83
CA ASN B 190 13.67 -5.06 -0.60
C ASN B 190 14.40 -3.75 -0.74
N TYR B 191 15.51 -3.75 -1.49
CA TYR B 191 16.25 -2.50 -1.72
C TYR B 191 15.79 -1.83 -3.02
N PRO B 192 15.29 -0.57 -2.92
CA PRO B 192 14.96 0.14 -4.18
C PRO B 192 16.20 0.31 -5.04
N ALA B 193 16.00 0.49 -6.35
CA ALA B 193 17.11 0.52 -7.27
C ALA B 193 18.29 1.44 -6.94
N ASP B 194 18.02 2.70 -6.58
N ASP B 194 18.02 2.71 -6.61
CA ASP B 194 19.12 3.63 -6.30
CA ASP B 194 19.11 3.64 -6.30
C ASP B 194 19.99 3.17 -5.13
C ASP B 194 19.98 3.14 -5.15
N LEU B 195 19.32 2.68 -4.08
CA LEU B 195 20.00 2.15 -2.90
C LEU B 195 20.70 0.83 -3.23
N ALA B 196 20.06 -0.01 -4.04
CA ALA B 196 20.69 -1.28 -4.45
C ALA B 196 21.99 -0.99 -5.20
N ARG B 197 21.98 0.00 -6.10
CA ARG B 197 23.21 0.39 -6.79
C ARG B 197 24.35 0.69 -5.81
N GLN B 198 24.06 1.52 -4.80
CA GLN B 198 25.04 1.90 -3.79
C GLN B 198 25.53 0.67 -3.04
N ALA B 199 24.60 -0.20 -2.67
CA ALA B 199 24.97 -1.41 -1.89
C ALA B 199 25.87 -2.34 -2.69
N ILE B 200 25.46 -2.59 -3.94
CA ILE B 200 26.25 -3.42 -4.86
C ILE B 200 27.66 -2.86 -5.05
N ASP B 201 27.78 -1.54 -5.24
CA ASP B 201 29.11 -0.95 -5.46
C ASP B 201 29.99 -1.04 -4.21
N ILE B 202 29.39 -0.82 -3.03
CA ILE B 202 30.13 -0.95 -1.78
C ILE B 202 30.65 -2.38 -1.59
N LEU B 203 29.79 -3.37 -1.78
CA LEU B 203 30.22 -4.76 -1.61
C LEU B 203 31.32 -5.13 -2.62
N GLU B 204 31.18 -4.70 -3.86
CA GLU B 204 32.23 -4.96 -4.86
C GLU B 204 33.58 -4.39 -4.38
N ASP B 205 33.57 -3.15 -3.89
N ASP B 205 33.54 -3.16 -3.85
CA ASP B 205 34.79 -2.50 -3.40
CA ASP B 205 34.74 -2.46 -3.36
C ASP B 205 35.38 -3.28 -2.20
C ASP B 205 35.35 -3.08 -2.10
N LEU B 206 34.53 -3.78 -1.32
CA LEU B 206 35.00 -4.51 -0.12
C LEU B 206 35.59 -5.89 -0.52
N GLY B 207 35.23 -6.38 -1.70
CA GLY B 207 35.75 -7.69 -2.14
C GLY B 207 34.81 -8.86 -1.96
N THR B 208 33.56 -8.60 -1.57
CA THR B 208 32.53 -9.65 -1.42
C THR B 208 31.31 -9.19 -2.23
N PRO B 209 31.28 -9.57 -3.51
CA PRO B 209 30.21 -9.02 -4.36
C PRO B 209 28.84 -9.53 -3.98
N CYS B 210 27.81 -8.72 -4.23
CA CYS B 210 26.44 -9.10 -3.94
C CYS B 210 26.02 -10.19 -4.92
N LEU B 211 25.60 -11.36 -4.41
CA LEU B 211 25.18 -12.44 -5.33
C LEU B 211 23.81 -12.15 -5.94
N ILE B 212 22.90 -11.65 -5.10
CA ILE B 212 21.46 -11.72 -5.47
C ILE B 212 20.65 -10.64 -4.76
N HIS B 213 19.57 -10.23 -5.43
CA HIS B 213 18.58 -9.33 -4.84
C HIS B 213 17.25 -10.09 -4.80
N GLN B 214 16.52 -9.95 -3.69
CA GLN B 214 15.19 -10.54 -3.54
C GLN B 214 14.09 -9.47 -3.45
N PRO B 215 13.45 -9.13 -4.59
CA PRO B 215 12.36 -8.17 -4.64
C PRO B 215 10.98 -8.82 -4.80
N LYS B 216 9.93 -8.08 -4.44
CA LYS B 216 8.57 -8.54 -4.73
C LYS B 216 8.31 -8.33 -6.24
N TYR B 217 7.76 -9.34 -6.92
CA TYR B 217 7.46 -9.19 -8.36
C TYR B 217 6.43 -10.18 -8.76
N SER B 218 5.40 -9.70 -9.50
CA SER B 218 4.35 -10.58 -10.04
C SER B 218 3.60 -9.77 -11.12
N LEU B 219 2.64 -10.41 -11.77
CA LEU B 219 1.80 -9.72 -12.76
C LEU B 219 1.16 -8.47 -12.20
N PHE B 220 0.83 -8.50 -10.91
CA PHE B 220 0.18 -7.36 -10.24
C PHE B 220 1.15 -6.37 -9.56
N GLU B 221 2.44 -6.70 -9.53
CA GLU B 221 3.43 -5.82 -8.89
C GLU B 221 4.67 -5.74 -9.76
N ARG B 222 4.67 -4.81 -10.71
CA ARG B 222 5.72 -4.75 -11.74
C ARG B 222 6.74 -3.62 -11.61
N TRP B 223 6.80 -3.02 -10.42
N TRP B 223 6.85 -3.03 -10.42
CA TRP B 223 7.73 -1.93 -10.14
CA TRP B 223 7.78 -1.92 -10.17
C TRP B 223 9.21 -2.22 -10.48
C TRP B 223 9.24 -2.21 -10.49
N VAL B 224 9.67 -3.46 -10.30
CA VAL B 224 11.06 -3.80 -10.61
C VAL B 224 11.40 -3.58 -12.11
N GLU B 225 10.36 -3.52 -12.97
CA GLU B 225 10.62 -3.31 -14.40
C GLU B 225 10.97 -1.84 -14.68
N ASP B 226 10.81 -0.98 -13.69
N ASP B 226 10.78 -0.99 -13.68
CA ASP B 226 11.11 0.44 -13.84
CA ASP B 226 11.08 0.43 -13.80
C ASP B 226 12.56 0.85 -13.56
C ASP B 226 12.57 0.75 -13.88
N GLY B 227 13.43 -0.13 -13.36
CA GLY B 227 14.84 0.18 -13.26
C GLY B 227 15.65 -0.86 -12.50
N LEU B 228 15.03 -1.51 -11.52
CA LEU B 228 15.79 -2.51 -10.73
C LEU B 228 16.33 -3.65 -11.58
N LEU B 229 15.47 -4.27 -12.39
CA LEU B 229 15.91 -5.41 -13.20
C LEU B 229 17.06 -5.05 -14.15
N ALA B 230 16.99 -3.86 -14.75
CA ALA B 230 18.08 -3.42 -15.65
C ALA B 230 19.40 -3.22 -14.89
N LEU B 231 19.29 -2.69 -13.68
CA LEU B 231 20.47 -2.46 -12.83
C LEU B 231 21.12 -3.80 -12.49
N LEU B 232 20.29 -4.75 -12.11
CA LEU B 232 20.84 -6.08 -11.73
C LEU B 232 21.53 -6.74 -12.93
N GLN B 233 20.90 -6.65 -14.11
N GLN B 233 20.94 -6.64 -14.11
CA GLN B 233 21.54 -7.14 -15.33
CA GLN B 233 21.57 -7.20 -15.30
C GLN B 233 22.87 -6.46 -15.56
C GLN B 233 22.89 -6.46 -15.60
N GLU B 234 22.88 -5.14 -15.47
CA GLU B 234 24.11 -4.34 -15.66
C GLU B 234 25.25 -4.81 -14.71
N LYS B 235 24.87 -5.05 -13.46
CA LYS B 235 25.85 -5.35 -12.41
C LYS B 235 26.17 -6.84 -12.23
N GLY B 236 25.43 -7.68 -12.94
CA GLY B 236 25.68 -9.13 -12.87
C GLY B 236 25.12 -9.78 -11.62
N VAL B 237 24.11 -9.13 -11.04
CA VAL B 237 23.50 -9.65 -9.78
C VAL B 237 22.22 -10.38 -10.15
N GLY B 238 22.00 -11.54 -9.53
CA GLY B 238 20.78 -12.33 -9.77
C GLY B 238 19.56 -11.75 -9.04
N SER B 239 18.40 -12.38 -9.26
CA SER B 239 17.14 -11.92 -8.67
C SER B 239 16.20 -13.05 -8.39
N ILE B 240 15.55 -13.01 -7.22
CA ILE B 240 14.58 -14.06 -6.92
C ILE B 240 13.31 -13.38 -6.43
N ALA B 241 12.25 -13.53 -7.22
CA ALA B 241 10.98 -12.86 -6.96
C ALA B 241 10.18 -13.46 -5.86
N PHE B 242 9.78 -12.63 -4.89
CA PHE B 242 8.85 -13.12 -3.86
C PHE B 242 7.42 -12.64 -4.14
N SER B 243 6.47 -13.34 -3.52
CA SER B 243 5.02 -13.18 -3.75
C SER B 243 4.69 -13.19 -5.24
N PRO B 244 5.19 -14.22 -5.97
CA PRO B 244 5.00 -14.28 -7.42
C PRO B 244 3.56 -14.55 -7.82
N LEU B 245 2.74 -15.01 -6.88
CA LEU B 245 1.30 -15.24 -7.15
C LEU B 245 0.48 -14.17 -6.46
N ALA B 246 1.13 -13.05 -6.17
CA ALA B 246 0.53 -11.89 -5.50
C ALA B 246 -0.22 -12.28 -4.23
N GLY B 247 0.44 -13.09 -3.41
CA GLY B 247 -0.13 -13.56 -2.14
C GLY B 247 -1.28 -14.53 -2.27
N GLY B 248 -1.42 -15.17 -3.44
CA GLY B 248 -2.51 -16.12 -3.66
C GLY B 248 -3.65 -15.61 -4.52
N GLN B 249 -3.59 -14.33 -4.90
CA GLN B 249 -4.60 -13.78 -5.83
C GLN B 249 -4.52 -14.40 -7.22
N LEU B 250 -3.32 -14.73 -7.67
CA LEU B 250 -3.14 -15.34 -8.99
C LEU B 250 -3.23 -16.87 -8.90
N THR B 251 -4.35 -17.34 -8.35
CA THR B 251 -4.60 -18.77 -8.20
C THR B 251 -6.09 -19.04 -8.43
N ASP B 252 -6.51 -20.27 -8.16
CA ASP B 252 -7.92 -20.66 -8.27
C ASP B 252 -8.77 -20.06 -7.17
N ARG B 253 -8.12 -19.51 -6.14
CA ARG B 253 -8.81 -18.94 -4.98
C ARG B 253 -9.94 -17.94 -5.32
N TYR B 254 -9.85 -17.28 -6.46
CA TYR B 254 -10.89 -16.32 -6.85
C TYR B 254 -11.43 -16.56 -8.26
N ASP B 279 -12.84 -5.89 -9.02
CA ASP B 279 -12.16 -5.38 -10.20
C ASP B 279 -10.91 -6.19 -10.56
N LYS B 280 -10.03 -6.43 -9.57
CA LYS B 280 -8.89 -7.31 -9.83
C LYS B 280 -9.45 -8.71 -10.08
N LEU B 281 -10.65 -8.97 -9.57
CA LEU B 281 -11.32 -10.24 -9.80
C LEU B 281 -11.63 -10.42 -11.29
N GLU B 282 -11.95 -9.31 -11.96
CA GLU B 282 -12.18 -9.35 -13.41
C GLU B 282 -10.86 -9.66 -14.13
N LYS B 283 -9.77 -9.07 -13.63
CA LYS B 283 -8.45 -9.32 -14.19
C LYS B 283 -8.03 -10.77 -13.97
N VAL B 284 -8.30 -11.28 -12.77
CA VAL B 284 -8.00 -12.67 -12.44
C VAL B 284 -8.77 -13.59 -13.38
N ARG B 285 -10.07 -13.31 -13.58
CA ARG B 285 -10.87 -14.11 -14.50
C ARG B 285 -10.32 -14.07 -15.93
N ARG B 286 -10.05 -12.87 -16.43
CA ARG B 286 -9.51 -12.73 -17.77
C ARG B 286 -8.14 -13.41 -17.95
N LEU B 287 -7.28 -13.28 -16.94
CA LEU B 287 -5.97 -13.94 -17.00
C LEU B 287 -6.14 -15.45 -16.98
N ASN B 288 -7.08 -15.93 -16.17
CA ASN B 288 -7.32 -17.35 -16.08
C ASN B 288 -7.82 -17.94 -17.41
N GLU B 289 -8.59 -17.16 -18.15
CA GLU B 289 -9.05 -17.64 -19.47
C GLU B 289 -7.89 -17.74 -20.44
N LEU B 290 -6.95 -16.80 -20.37
CA LEU B 290 -5.76 -16.90 -21.20
C LEU B 290 -4.92 -18.11 -20.80
N ALA B 291 -4.80 -18.35 -19.49
CA ALA B 291 -4.06 -19.51 -19.00
C ALA B 291 -4.70 -20.80 -19.51
N ALA B 292 -6.02 -20.89 -19.41
CA ALA B 292 -6.78 -22.05 -19.90
C ALA B 292 -6.48 -22.35 -21.37
N ARG B 293 -6.43 -21.31 -22.20
N ARG B 293 -6.43 -21.31 -22.20
CA ARG B 293 -6.13 -21.47 -23.62
CA ARG B 293 -6.12 -21.45 -23.62
C ARG B 293 -4.69 -21.96 -23.83
C ARG B 293 -4.71 -22.00 -23.80
N ARG B 294 -3.83 -21.66 -22.86
CA ARG B 294 -2.44 -22.10 -22.92
C ARG B 294 -2.28 -23.49 -22.33
N GLY B 295 -3.38 -24.06 -21.84
CA GLY B 295 -3.39 -25.37 -21.20
C GLY B 295 -2.76 -25.41 -19.81
N GLN B 296 -2.86 -24.27 -19.11
N GLN B 296 -2.82 -24.29 -19.08
CA GLN B 296 -2.26 -24.10 -17.77
CA GLN B 296 -2.22 -24.27 -17.74
C GLN B 296 -3.25 -23.63 -16.72
C GLN B 296 -3.07 -23.49 -16.74
N LYS B 297 -2.88 -23.81 -15.45
CA LYS B 297 -3.61 -23.18 -14.37
C LYS B 297 -3.15 -21.73 -14.34
N LEU B 298 -3.96 -20.85 -13.77
CA LEU B 298 -3.58 -19.46 -13.70
C LEU B 298 -2.27 -19.31 -12.93
N SER B 299 -2.15 -20.08 -11.85
CA SER B 299 -0.92 -20.00 -11.02
C SER B 299 0.33 -20.34 -11.85
N GLN B 300 0.19 -21.34 -12.70
CA GLN B 300 1.27 -21.78 -13.58
C GLN B 300 1.66 -20.69 -14.58
N MET B 301 0.67 -20.06 -15.21
CA MET B 301 0.98 -18.99 -16.14
C MET B 301 1.62 -17.78 -15.43
N ALA B 302 1.15 -17.52 -14.21
CA ALA B 302 1.66 -16.39 -13.44
C ALA B 302 3.15 -16.61 -13.07
N LEU B 303 3.52 -17.83 -12.72
CA LEU B 303 4.94 -18.12 -12.42
C LEU B 303 5.79 -18.05 -13.69
N ALA B 304 5.28 -18.64 -14.77
CA ALA B 304 5.98 -18.62 -16.06
C ALA B 304 6.23 -17.18 -16.51
N TRP B 305 5.25 -16.32 -16.30
CA TRP B 305 5.35 -14.94 -16.73
C TRP B 305 6.51 -14.19 -16.04
N VAL B 306 6.72 -14.44 -14.76
CA VAL B 306 7.81 -13.79 -14.06
C VAL B 306 9.18 -14.15 -14.66
N LEU B 307 9.31 -15.36 -15.18
CA LEU B 307 10.58 -15.80 -15.75
C LEU B 307 10.59 -15.72 -17.28
N ARG B 308 9.72 -14.89 -17.84
CA ARG B 308 9.58 -14.86 -19.32
C ARG B 308 10.87 -14.44 -20.05
N ASN B 309 11.65 -13.63 -19.35
N ASN B 309 11.85 -13.89 -19.34
CA ASN B 309 12.92 -13.16 -19.84
CA ASN B 309 13.18 -13.56 -19.92
C ASN B 309 13.95 -13.70 -18.86
C ASN B 309 14.39 -13.94 -19.05
N ASP B 310 15.19 -13.84 -19.35
N ASP B 310 15.56 -13.32 -19.30
CA ASP B 310 16.32 -14.22 -18.51
CA ASP B 310 16.75 -13.58 -18.50
C ASP B 310 16.59 -13.15 -17.47
C ASP B 310 16.95 -12.53 -17.41
N ASN B 311 15.69 -12.16 -17.39
N ASN B 311 15.94 -11.68 -17.19
CA ASN B 311 15.82 -11.00 -16.48
CA ASN B 311 16.10 -10.69 -16.16
C ASN B 311 15.70 -11.25 -14.97
C ASN B 311 15.60 -11.14 -14.78
N VAL B 312 15.06 -12.36 -14.64
CA VAL B 312 14.79 -12.84 -13.24
C VAL B 312 15.34 -14.27 -13.09
N THR B 313 16.08 -14.55 -12.01
CA THR B 313 16.65 -15.85 -11.88
C THR B 313 15.66 -16.93 -11.46
N SER B 314 14.86 -16.67 -10.43
CA SER B 314 14.01 -17.72 -9.88
C SER B 314 12.75 -17.10 -9.28
N VAL B 315 11.71 -17.93 -9.07
CA VAL B 315 10.50 -17.47 -8.34
C VAL B 315 10.43 -18.22 -7.00
N LEU B 316 10.12 -17.50 -5.93
CA LEU B 316 10.09 -18.09 -4.60
C LEU B 316 8.61 -18.28 -4.27
N ILE B 317 8.17 -19.52 -4.26
CA ILE B 317 6.76 -19.81 -3.95
C ILE B 317 6.57 -20.09 -2.47
N GLY B 318 5.34 -19.94 -2.01
CA GLY B 318 4.95 -20.38 -0.67
C GLY B 318 4.07 -21.59 -0.92
N ALA B 319 3.92 -22.45 0.09
CA ALA B 319 3.02 -23.58 -0.06
C ALA B 319 2.54 -24.02 1.29
N SER B 320 1.29 -24.50 1.34
CA SER B 320 0.78 -25.13 2.55
C SER B 320 0.54 -26.62 2.27
N LYS B 321 0.45 -27.01 0.99
N LYS B 321 0.49 -27.03 1.01
CA LYS B 321 0.24 -28.42 0.60
CA LYS B 321 0.27 -28.44 0.68
C LYS B 321 1.18 -28.85 -0.52
C LYS B 321 1.12 -28.87 -0.52
N PRO B 322 1.58 -30.13 -0.54
CA PRO B 322 2.46 -30.62 -1.61
C PRO B 322 1.92 -30.37 -3.03
N SER B 323 0.60 -30.42 -3.22
CA SER B 323 0.05 -30.18 -4.57
C SER B 323 0.37 -28.82 -5.13
N GLN B 324 0.52 -27.81 -4.25
CA GLN B 324 0.89 -26.49 -4.71
C GLN B 324 2.30 -26.46 -5.28
N ILE B 325 3.19 -27.26 -4.69
CA ILE B 325 4.54 -27.38 -5.19
C ILE B 325 4.53 -28.10 -6.55
N GLU B 326 3.77 -29.19 -6.63
CA GLU B 326 3.63 -29.94 -7.87
C GLU B 326 3.07 -29.04 -8.97
N ASP B 327 2.06 -28.22 -8.64
CA ASP B 327 1.49 -27.28 -9.61
C ASP B 327 2.54 -26.29 -10.11
N ALA B 328 3.30 -25.72 -9.18
CA ALA B 328 4.33 -24.76 -9.59
C ALA B 328 5.35 -25.37 -10.53
N VAL B 329 5.88 -26.56 -10.19
CA VAL B 329 6.89 -27.21 -11.03
C VAL B 329 6.30 -27.53 -12.41
N GLY B 330 5.01 -27.81 -12.44
CA GLY B 330 4.35 -28.06 -13.74
C GLY B 330 4.30 -26.85 -14.68
N MET B 331 4.62 -25.65 -14.20
CA MET B 331 4.63 -24.47 -15.07
C MET B 331 5.70 -24.63 -16.15
N LEU B 332 6.71 -25.46 -15.86
CA LEU B 332 7.84 -25.66 -16.77
C LEU B 332 7.45 -26.17 -18.17
N ALA B 333 6.27 -26.79 -18.23
CA ALA B 333 5.76 -27.40 -19.46
C ALA B 333 5.32 -26.38 -20.52
N ASN B 334 5.09 -25.13 -20.10
CA ASN B 334 4.72 -24.06 -21.04
C ASN B 334 5.19 -22.72 -20.49
N ARG B 335 6.45 -22.42 -20.79
CA ARG B 335 7.11 -21.23 -20.28
C ARG B 335 7.13 -20.08 -21.27
N ARG B 336 6.77 -20.34 -22.52
CA ARG B 336 6.88 -19.32 -23.56
C ARG B 336 5.65 -18.43 -23.74
N PHE B 337 5.90 -17.17 -24.10
CA PHE B 337 4.85 -16.18 -24.34
C PHE B 337 5.12 -15.49 -25.66
N SER B 338 4.12 -15.49 -26.54
CA SER B 338 4.25 -14.80 -27.82
C SER B 338 4.04 -13.32 -27.58
N ALA B 339 4.45 -12.49 -28.54
CA ALA B 339 4.24 -11.05 -28.41
C ALA B 339 2.74 -10.76 -28.31
N ALA B 340 1.94 -11.58 -28.99
CA ALA B 340 0.48 -11.43 -28.95
C ALA B 340 -0.03 -11.71 -27.53
N GLU B 341 0.50 -12.75 -26.91
CA GLU B 341 0.13 -13.10 -25.54
C GLU B 341 0.53 -12.01 -24.54
N CYS B 342 1.73 -11.47 -24.70
CA CYS B 342 2.17 -10.42 -23.79
C CYS B 342 1.32 -9.17 -23.96
N ALA B 343 1.03 -8.82 -25.22
CA ALA B 343 0.19 -7.64 -25.49
C ALA B 343 -1.19 -7.84 -24.88
N GLU B 344 -1.70 -9.06 -25.00
CA GLU B 344 -3.00 -9.40 -24.43
C GLU B 344 -2.98 -9.30 -22.90
N ILE B 345 -1.88 -9.73 -22.29
CA ILE B 345 -1.74 -9.66 -20.84
C ILE B 345 -1.72 -8.21 -20.38
N ASP B 346 -0.88 -7.40 -21.02
CA ASP B 346 -0.81 -5.99 -20.67
C ASP B 346 -2.20 -5.35 -20.78
N ALA B 347 -2.89 -5.61 -21.91
CA ALA B 347 -4.23 -5.09 -22.10
C ALA B 347 -5.11 -5.39 -20.89
N ILE B 348 -5.11 -6.65 -20.47
CA ILE B 348 -5.89 -7.08 -19.30
C ILE B 348 -5.47 -6.30 -18.05
N LEU B 349 -4.16 -6.18 -17.85
CA LEU B 349 -3.61 -5.49 -16.69
C LEU B 349 -3.95 -4.01 -16.65
N GLU B 350 -3.89 -3.35 -17.80
CA GLU B 350 -4.20 -1.92 -17.83
C GLU B 350 -5.70 -1.63 -17.99
N GLY B 351 -6.52 -2.68 -17.90
CA GLY B 351 -7.97 -2.54 -17.92
C GLY B 351 -8.67 -2.27 -19.24
N ARG B 352 -7.98 -2.49 -20.36
CA ARG B 352 -8.56 -2.29 -21.68
C ARG B 352 -9.56 -3.39 -22.02
ZN ZN C . -36.32 26.79 3.82
NA NA D . -14.26 19.07 8.07
CL CL E . -2.85 16.68 4.79
CL CL F . -39.32 20.86 5.68
AS CAC G . -11.76 21.25 8.85
O1 CAC G . -12.92 20.25 9.72
O2 CAC G . -12.51 22.39 7.74
C1 CAC G . -10.69 22.31 10.09
C2 CAC G . -10.60 20.20 7.68
C1 EDO H . 7.08 -3.63 -0.72
O1 EDO H . 6.55 -4.05 0.57
C2 EDO H . 8.17 -4.63 -1.06
O2 EDO H . 9.28 -4.28 -0.17
C1 EDO I . 12.32 -2.70 -3.66
O1 EDO I . 11.01 -3.09 -3.19
C2 EDO I . 12.72 -3.56 -4.82
O2 EDO I . 11.84 -3.26 -5.90
C1 EDO J . -20.56 4.51 19.22
O1 EDO J . -21.91 4.25 19.61
C2 EDO J . -19.84 3.23 18.82
O2 EDO J . -20.66 2.47 17.94
C1 EDO K . 14.15 7.42 18.69
O1 EDO K . 15.38 6.83 19.14
C2 EDO K . 14.41 8.41 17.56
O2 EDO K . 14.96 9.61 18.11
C1 EDO L . -12.97 25.40 9.67
O1 EDO L . -12.44 26.14 8.55
C2 EDO L . -12.37 25.82 11.02
O2 EDO L . -12.67 27.20 11.33
C1 EDO M . -22.08 27.02 22.62
O1 EDO M . -22.73 28.05 21.85
C2 EDO M . -21.56 25.90 21.74
O2 EDO M . -22.20 24.65 22.03
C1 EDO N . 0.07 32.29 -4.90
O1 EDO N . -0.60 31.07 -4.90
C2 EDO N . -0.15 33.23 -3.75
O2 EDO N . 1.00 33.35 -2.92
C1 EDO O . -14.51 35.44 -7.73
O1 EDO O . -15.69 36.08 -7.21
C2 EDO O . -13.20 35.97 -7.17
O2 EDO O . -12.13 35.56 -8.05
C1 EDO P . -20.06 41.53 11.25
O1 EDO P . -19.20 42.01 12.31
C2 EDO P . -20.09 40.00 11.20
O2 EDO P . -18.82 39.42 10.85
ZN ZN Q . 33.00 -12.31 13.30
NA NA R . 12.60 -10.98 1.56
CL CL S . 2.54 -15.69 -3.68
CL CL T . 4.31 -8.12 1.16
CL CL U . 36.65 -9.06 8.42
AS CAC V . 9.48 -10.73 3.09
O1 CAC V . 10.14 -11.78 4.33
O2 CAC V . 10.74 -9.72 2.52
C1 CAC V . 8.96 -12.10 1.80
C2 CAC V . 8.02 -9.65 3.84
C1 EDO W . 19.25 2.86 -10.04
O1 EDO W . 20.34 3.80 -9.97
C2 EDO W . 18.76 2.67 -11.48
O2 EDO W . 19.86 2.28 -12.30
C1 EDO X . 7.24 -5.86 11.80
O1 EDO X . 6.61 -6.95 11.10
C2 EDO X . 8.75 -5.83 11.60
O2 EDO X . 9.24 -7.18 11.77
O2 EDO X . 9.24 -4.50 11.52
C1 EDO Y . -2.30 -26.36 10.49
O1 EDO Y . -2.44 -25.73 11.76
C2 EDO Y . -1.38 -27.54 10.69
O2 EDO Y . -0.77 -27.89 9.46
C1 EDO Z . 5.34 -3.57 -5.27
O1 EDO Z . 4.80 -3.02 -4.09
C2 EDO Z . 6.75 -3.06 -5.50
O2 EDO Z . 7.62 -3.80 -4.66
#